data_2R46
#
_entry.id   2R46
#
_cell.length_a   113.823
_cell.length_b   113.937
_cell.length_c   192.740
_cell.angle_alpha   90.000
_cell.angle_beta   90.000
_cell.angle_gamma   90.000
#
_symmetry.space_group_name_H-M   'I 2 2 2'
#
loop_
_entity.id
_entity.type
_entity.pdbx_description
1 polymer 'Aerobic glycerol-3-phosphate dehydrogenase'
2 non-polymer 'octyl beta-D-glucopyranoside'
3 non-polymer 1,2-ETHANEDIOL
4 non-polymer 'N-(TRIS(HYDROXYMETHYL)METHYL)-3-AMINOPROPANESULFONIC ACID'
5 non-polymer 'FLAVIN-ADENINE DINUCLEOTIDE'
6 non-polymer PHOSPHOENOLPYRUVATE
7 non-polymer IMIDAZOLE
8 water water
#
_entity_poly.entity_id   1
_entity_poly.type   'polypeptide(L)'
_entity_poly.pdbx_seq_one_letter_code
;METKDLIVIGGGINGAGIAADAAGRGLSVLMLEAQDLACATSSASSKLIHGGLRYLEHYEFRLVSEALAEREVLLKMAPH
IAFPMRFRLPHRPHLRPAWMIRIGLFMYDHLGKRTSLPGSTGLRFGANSVLKPEIKRGFEYSDCWVDDARLVLANAQMVV
RKGGEVLTRTRATSARRENGLWIVEAEDIDTGKKYSWQARGLVNATGPWVKQFFDDGMHLPSPYGIRLIKGSHIVVPRVH
TQKQAYILQNEDKRIVFVIPWMDEFSIIGTTDVEYKGDPKAVKIEESEINYLLNVYNTHFKKQLSRDDIVWTYSGVRPLC
DDESDSPQAITRDYTLDIHDENGKAPLLSVFGGKLTTYRKLAEHALEKLTPYYQGIGPAWTKESVLPGGAIEGDRDDYAA
RLRRRYPFLTESLARHYARTYGSNSELLLGNAGTVSDLGEDFGHEFYEAELKYLVDHEWVRRADDALWRRTKQGMWLNAD
QQSRVSQWLVEYTQQRLSLAS
;
_entity_poly.pdbx_strand_id   A,B
#
# COMPACT_ATOMS: atom_id res chain seq x y z
N MET A 1 21.01 -23.36 12.33
CA MET A 1 20.94 -22.02 12.95
C MET A 1 19.51 -21.80 13.46
N GLU A 2 18.98 -22.80 14.15
CA GLU A 2 17.61 -22.77 14.69
C GLU A 2 17.49 -21.73 15.79
N THR A 3 18.60 -21.07 16.09
CA THR A 3 18.61 -20.07 17.15
C THR A 3 18.06 -18.72 16.70
N LYS A 4 17.05 -18.25 17.42
CA LYS A 4 16.43 -16.96 17.13
C LYS A 4 17.27 -15.90 17.82
N ASP A 5 17.32 -14.70 17.26
CA ASP A 5 18.08 -13.63 17.90
C ASP A 5 17.37 -13.20 19.17
N LEU A 6 16.05 -13.02 19.06
CA LEU A 6 15.27 -12.57 20.19
C LEU A 6 13.89 -13.23 20.28
N ILE A 7 13.53 -13.68 21.48
CA ILE A 7 12.22 -14.27 21.70
C ILE A 7 11.45 -13.34 22.66
N VAL A 8 10.23 -13.01 22.26
CA VAL A 8 9.37 -12.14 23.06
C VAL A 8 8.20 -12.92 23.61
N ILE A 9 8.07 -12.93 24.93
CA ILE A 9 6.98 -13.64 25.59
C ILE A 9 5.94 -12.58 25.96
N GLY A 10 4.76 -12.70 25.36
CA GLY A 10 3.69 -11.75 25.61
C GLY A 10 3.19 -11.16 24.31
N GLY A 11 1.90 -11.34 24.02
CA GLY A 11 1.33 -10.83 22.80
C GLY A 11 0.40 -9.63 22.99
N GLY A 12 0.71 -8.79 23.97
CA GLY A 12 -0.09 -7.61 24.20
C GLY A 12 0.57 -6.49 23.42
N ILE A 13 0.22 -5.24 23.73
CA ILE A 13 0.80 -4.11 23.01
C ILE A 13 2.31 -3.94 23.21
N ASN A 14 2.80 -4.13 24.43
CA ASN A 14 4.23 -3.97 24.70
C ASN A 14 5.09 -5.05 24.06
N GLY A 15 4.63 -6.28 24.12
CA GLY A 15 5.38 -7.36 23.50
C GLY A 15 5.36 -7.24 21.98
N ALA A 16 4.20 -6.86 21.42
CA ALA A 16 4.07 -6.73 19.98
C ALA A 16 4.92 -5.58 19.43
N GLY A 17 4.92 -4.46 20.14
CA GLY A 17 5.71 -3.32 19.72
C GLY A 17 7.19 -3.59 19.79
N ILE A 18 7.63 -4.33 20.80
CA ILE A 18 9.04 -4.64 20.93
C ILE A 18 9.45 -5.58 19.81
N ALA A 19 8.63 -6.60 19.57
CA ALA A 19 8.91 -7.59 18.53
C ALA A 19 8.97 -6.94 17.14
N ALA A 20 8.00 -6.07 16.84
CA ALA A 20 7.96 -5.41 15.54
C ALA A 20 9.22 -4.55 15.35
N ASP A 21 9.55 -3.75 16.35
CA ASP A 21 10.72 -2.89 16.28
C ASP A 21 11.97 -3.76 16.06
N ALA A 22 12.11 -4.82 16.85
CA ALA A 22 13.26 -5.71 16.72
C ALA A 22 13.37 -6.30 15.32
N ALA A 23 12.27 -6.85 14.81
CA ALA A 23 12.28 -7.45 13.48
C ALA A 23 12.70 -6.41 12.45
N GLY A 24 12.25 -5.18 12.64
CA GLY A 24 12.59 -4.11 11.73
C GLY A 24 14.03 -3.64 11.84
N ARG A 25 14.76 -4.17 12.80
CA ARG A 25 16.16 -3.82 12.98
C ARG A 25 17.04 -4.95 12.49
N GLY A 26 16.42 -5.94 11.86
CA GLY A 26 17.16 -7.07 11.32
C GLY A 26 17.29 -8.31 12.19
N LEU A 27 16.72 -8.30 13.38
CA LEU A 27 16.83 -9.47 14.26
C LEU A 27 15.81 -10.55 13.91
N SER A 28 16.21 -11.81 14.02
CA SER A 28 15.29 -12.91 13.77
C SER A 28 14.46 -12.95 15.05
N VAL A 29 13.19 -12.58 14.93
CA VAL A 29 12.30 -12.51 16.07
C VAL A 29 11.13 -13.48 16.09
N LEU A 30 10.81 -13.94 17.31
CA LEU A 30 9.70 -14.84 17.56
C LEU A 30 8.91 -14.28 18.75
N MET A 31 7.60 -14.13 18.59
CA MET A 31 6.74 -13.62 19.66
C MET A 31 5.77 -14.72 20.08
N LEU A 32 5.66 -14.92 21.40
CA LEU A 32 4.79 -15.96 21.94
C LEU A 32 3.60 -15.40 22.74
N GLU A 33 2.40 -15.82 22.37
CA GLU A 33 1.18 -15.39 23.04
C GLU A 33 0.41 -16.61 23.52
N ALA A 34 0.19 -16.70 24.83
CA ALA A 34 -0.48 -17.83 25.45
C ALA A 34 -1.90 -18.10 24.94
N GLN A 35 -2.65 -17.05 24.66
CA GLN A 35 -4.01 -17.23 24.17
C GLN A 35 -4.20 -16.47 22.85
N ASP A 36 -4.78 -15.27 22.91
CA ASP A 36 -4.96 -14.48 21.71
C ASP A 36 -4.29 -13.14 21.86
N LEU A 37 -3.97 -12.50 20.74
CA LEU A 37 -3.34 -11.19 20.75
C LEU A 37 -4.25 -10.21 21.51
N ALA A 38 -3.67 -9.44 22.44
CA ALA A 38 -4.41 -8.46 23.23
C ALA A 38 -5.55 -9.04 24.07
N CYS A 39 -5.51 -10.33 24.33
CA CYS A 39 -6.58 -10.98 25.10
C CYS A 39 -6.69 -10.49 26.55
N ALA A 40 -5.66 -9.82 27.04
CA ALA A 40 -5.68 -9.34 28.42
C ALA A 40 -5.82 -7.83 28.55
N THR A 41 -4.87 -7.21 29.24
CA THR A 41 -4.92 -5.78 29.49
C THR A 41 -5.05 -4.88 28.28
N SER A 42 -4.34 -5.22 27.21
CA SER A 42 -4.36 -4.42 26.00
C SER A 42 -5.70 -4.31 25.26
N SER A 43 -6.70 -5.06 25.69
CA SER A 43 -8.01 -4.94 25.07
C SER A 43 -9.01 -4.46 26.11
N ALA A 44 -8.50 -4.11 27.30
CA ALA A 44 -9.34 -3.66 28.40
C ALA A 44 -9.11 -2.21 28.82
N SER A 45 -8.57 -1.40 27.92
CA SER A 45 -8.27 -0.01 28.21
C SER A 45 -9.43 0.95 27.94
N SER A 46 -9.20 2.23 28.22
CA SER A 46 -10.23 3.23 27.96
C SER A 46 -10.11 3.62 26.49
N LYS A 47 -9.15 3.00 25.80
CA LYS A 47 -8.92 3.24 24.38
C LYS A 47 -8.57 4.68 24.01
N LEU A 48 -7.75 5.31 24.85
CA LEU A 48 -7.35 6.68 24.61
C LEU A 48 -5.85 6.82 24.43
N ILE A 49 -5.47 7.68 23.51
CA ILE A 49 -4.06 7.98 23.30
C ILE A 49 -4.05 9.37 23.91
N HIS A 50 -3.72 9.43 25.19
CA HIS A 50 -3.71 10.69 25.91
C HIS A 50 -2.37 10.97 26.57
N GLY A 51 -2.17 12.22 26.97
CA GLY A 51 -0.94 12.60 27.63
C GLY A 51 -1.02 12.36 29.13
N GLY A 52 -2.22 12.08 29.62
CA GLY A 52 -2.42 11.82 31.03
C GLY A 52 -2.58 13.09 31.85
N LEU A 53 -3.62 13.85 31.54
CA LEU A 53 -3.90 15.10 32.21
C LEU A 53 -3.85 15.03 33.74
N ARG A 54 -4.46 14.00 34.31
CA ARG A 54 -4.50 13.85 35.76
C ARG A 54 -3.15 13.58 36.43
N TYR A 55 -2.18 13.09 35.67
CA TYR A 55 -0.86 12.80 36.21
C TYR A 55 -0.05 14.07 36.50
N LEU A 56 -0.52 15.20 36.00
CA LEU A 56 0.17 16.46 36.23
C LEU A 56 0.15 16.88 37.70
N GLU A 57 -0.96 16.59 38.38
CA GLU A 57 -1.07 16.92 39.80
C GLU A 57 -0.05 16.13 40.61
N HIS A 58 0.43 15.03 40.03
CA HIS A 58 1.41 14.19 40.69
C HIS A 58 2.83 14.49 40.18
N TYR A 59 2.93 15.45 39.27
CA TYR A 59 4.20 15.88 38.71
C TYR A 59 4.92 14.85 37.84
N GLU A 60 4.14 13.98 37.20
CA GLU A 60 4.71 12.94 36.32
C GLU A 60 5.00 13.58 34.96
N PHE A 61 5.89 14.57 34.94
CA PHE A 61 6.22 15.28 33.71
C PHE A 61 6.89 14.48 32.61
N ARG A 62 7.75 13.54 32.96
CA ARG A 62 8.43 12.73 31.93
C ARG A 62 7.39 11.95 31.14
N LEU A 63 6.53 11.25 31.85
CA LEU A 63 5.49 10.46 31.22
C LEU A 63 4.53 11.30 30.38
N VAL A 64 3.98 12.36 30.98
CA VAL A 64 3.04 13.23 30.30
C VAL A 64 3.62 13.85 29.02
N SER A 65 4.88 14.32 29.10
CA SER A 65 5.52 14.92 27.93
C SER A 65 5.72 13.90 26.81
N GLU A 66 6.21 12.71 27.17
CA GLU A 66 6.44 11.67 26.18
C GLU A 66 5.12 11.21 25.57
N ALA A 67 4.11 11.05 26.42
CA ALA A 67 2.79 10.60 25.97
C ALA A 67 2.16 11.60 25.02
N LEU A 68 2.23 12.88 25.37
CA LEU A 68 1.66 13.94 24.53
C LEU A 68 2.24 13.95 23.13
N ALA A 69 3.56 13.92 23.02
CA ALA A 69 4.23 13.93 21.73
C ALA A 69 3.97 12.69 20.88
N GLU A 70 3.78 11.55 21.55
CA GLU A 70 3.53 10.31 20.83
C GLU A 70 2.17 10.28 20.13
N ARG A 71 1.23 11.07 20.64
CA ARG A 71 -0.11 11.13 20.06
C ARG A 71 -0.10 11.31 18.54
N GLU A 72 0.53 12.38 18.09
CA GLU A 72 0.60 12.67 16.65
C GLU A 72 1.39 11.63 15.88
N VAL A 73 2.38 11.03 16.54
CA VAL A 73 3.17 10.00 15.90
C VAL A 73 2.28 8.79 15.63
N LEU A 74 1.53 8.35 16.64
CA LEU A 74 0.63 7.20 16.48
C LEU A 74 -0.48 7.52 15.47
N LEU A 75 -0.96 8.76 15.49
CA LEU A 75 -2.01 9.19 14.58
C LEU A 75 -1.60 8.98 13.12
N LYS A 76 -0.34 9.25 12.79
CA LYS A 76 0.16 9.06 11.42
C LYS A 76 0.50 7.60 11.14
N MET A 77 0.86 6.86 12.18
CA MET A 77 1.20 5.45 12.02
C MET A 77 -0.02 4.57 11.77
N ALA A 78 -1.13 4.90 12.41
CA ALA A 78 -2.34 4.10 12.26
C ALA A 78 -3.61 4.96 12.13
N PRO A 79 -3.69 5.76 11.05
CA PRO A 79 -4.84 6.64 10.82
C PRO A 79 -6.16 5.90 10.63
N HIS A 80 -6.10 4.61 10.33
CA HIS A 80 -7.33 3.83 10.12
C HIS A 80 -8.03 3.45 11.42
N ILE A 81 -7.29 3.41 12.53
CA ILE A 81 -7.88 3.04 13.82
C ILE A 81 -7.71 4.09 14.92
N ALA A 82 -6.95 5.14 14.64
CA ALA A 82 -6.74 6.20 15.62
C ALA A 82 -7.18 7.53 15.03
N PHE A 83 -7.67 8.43 15.87
CA PHE A 83 -8.11 9.73 15.40
C PHE A 83 -8.27 10.75 16.52
N PRO A 84 -8.24 12.05 16.18
CA PRO A 84 -8.38 13.12 17.16
C PRO A 84 -9.75 13.11 17.84
N MET A 85 -9.78 13.57 19.09
CA MET A 85 -11.02 13.63 19.85
C MET A 85 -10.93 14.82 20.80
N ARG A 86 -12.05 15.49 21.03
CA ARG A 86 -12.08 16.63 21.94
C ARG A 86 -12.73 16.18 23.25
N PHE A 87 -12.19 16.65 24.37
CA PHE A 87 -12.70 16.29 25.70
C PHE A 87 -13.19 17.51 26.47
N ARG A 88 -14.39 17.41 27.04
CA ARG A 88 -14.98 18.50 27.80
C ARG A 88 -14.92 18.24 29.31
N LEU A 89 -14.25 19.15 30.02
CA LEU A 89 -14.09 19.06 31.46
C LEU A 89 -14.99 20.04 32.21
N PRO A 90 -16.08 19.52 32.83
CA PRO A 90 -17.00 20.38 33.59
C PRO A 90 -16.28 20.97 34.80
N HIS A 91 -16.45 22.26 35.04
CA HIS A 91 -15.79 22.91 36.16
C HIS A 91 -16.48 22.61 37.49
N ARG A 92 -15.70 22.13 38.47
CA ARG A 92 -16.22 21.83 39.80
C ARG A 92 -15.29 22.51 40.79
N PRO A 93 -15.44 23.83 40.93
CA PRO A 93 -14.68 24.70 41.81
C PRO A 93 -14.34 24.20 43.21
N HIS A 94 -15.26 23.49 43.86
CA HIS A 94 -14.99 22.99 45.20
C HIS A 94 -14.01 21.82 45.17
N LEU A 95 -13.63 21.41 43.96
CA LEU A 95 -12.68 20.31 43.77
C LEU A 95 -11.34 20.85 43.29
N ARG A 96 -11.39 21.64 42.23
CA ARG A 96 -10.19 22.24 41.67
C ARG A 96 -10.51 23.66 41.21
N PRO A 97 -9.69 24.64 41.64
CA PRO A 97 -9.92 26.03 41.26
C PRO A 97 -9.61 26.26 39.78
N ALA A 98 -10.32 27.21 39.18
CA ALA A 98 -10.14 27.54 37.77
C ALA A 98 -8.69 27.80 37.38
N TRP A 99 -7.98 28.56 38.21
CA TRP A 99 -6.58 28.88 37.91
C TRP A 99 -5.73 27.63 37.82
N MET A 100 -6.08 26.62 38.61
CA MET A 100 -5.32 25.37 38.61
C MET A 100 -5.54 24.66 37.28
N ILE A 101 -6.79 24.57 36.86
CA ILE A 101 -7.14 23.92 35.60
C ILE A 101 -6.39 24.55 34.42
N ARG A 102 -6.41 25.87 34.35
CA ARG A 102 -5.74 26.58 33.25
C ARG A 102 -4.26 26.24 33.16
N ILE A 103 -3.56 26.25 34.30
CA ILE A 103 -2.14 25.93 34.31
C ILE A 103 -1.93 24.54 33.68
N GLY A 104 -2.73 23.58 34.12
CA GLY A 104 -2.62 22.23 33.59
C GLY A 104 -2.80 22.19 32.08
N LEU A 105 -3.88 22.81 31.59
CA LEU A 105 -4.16 22.84 30.16
C LEU A 105 -3.03 23.49 29.38
N PHE A 106 -2.37 24.48 29.98
CA PHE A 106 -1.26 25.15 29.32
C PHE A 106 -0.16 24.13 29.07
N MET A 107 0.21 23.42 30.12
CA MET A 107 1.25 22.40 30.01
C MET A 107 0.82 21.34 29.02
N TYR A 108 -0.44 20.92 29.13
CA TYR A 108 -0.97 19.91 28.23
C TYR A 108 -0.83 20.33 26.77
N ASP A 109 -0.88 21.65 26.53
CA ASP A 109 -0.76 22.17 25.18
C ASP A 109 0.67 22.42 24.72
N HIS A 110 1.59 22.64 25.66
CA HIS A 110 2.97 22.93 25.30
C HIS A 110 4.02 21.97 25.85
N LEU A 111 3.62 21.10 26.78
CA LEU A 111 4.57 20.16 27.37
C LEU A 111 5.10 19.19 26.33
N GLY A 112 4.40 19.10 25.19
CA GLY A 112 4.81 18.21 24.12
C GLY A 112 4.52 18.79 22.75
N LYS A 113 5.34 18.45 21.77
CA LYS A 113 5.18 18.95 20.40
C LYS A 113 3.78 18.65 19.85
N ARG A 114 3.06 19.71 19.48
CA ARG A 114 1.71 19.58 18.95
C ARG A 114 1.59 20.29 17.61
N THR A 115 1.69 19.53 16.52
CA THR A 115 1.64 20.06 15.17
C THR A 115 0.25 20.14 14.53
N SER A 116 -0.68 19.30 14.97
CA SER A 116 -2.01 19.30 14.37
C SER A 116 -3.17 19.39 15.35
N LEU A 117 -3.03 18.77 16.52
CA LEU A 117 -4.10 18.79 17.51
C LEU A 117 -4.40 20.21 17.99
N PRO A 118 -5.67 20.63 17.90
CA PRO A 118 -6.08 21.98 18.33
C PRO A 118 -5.75 22.25 19.79
N GLY A 119 -5.82 23.53 20.17
CA GLY A 119 -5.53 23.91 21.54
C GLY A 119 -6.73 23.92 22.46
N SER A 120 -6.49 24.07 23.76
CA SER A 120 -7.55 24.07 24.75
C SER A 120 -8.39 25.34 24.69
N THR A 121 -9.56 25.28 25.32
CA THR A 121 -10.47 26.42 25.34
C THR A 121 -11.44 26.37 26.50
N GLY A 122 -12.11 27.49 26.75
CA GLY A 122 -13.07 27.54 27.83
C GLY A 122 -14.45 27.26 27.30
N LEU A 123 -15.37 26.84 28.16
CA LEU A 123 -16.72 26.53 27.75
C LEU A 123 -17.77 27.09 28.69
N ARG A 124 -18.95 27.36 28.14
CA ARG A 124 -20.07 27.87 28.91
C ARG A 124 -21.20 26.88 28.66
N PHE A 125 -21.85 26.41 29.73
CA PHE A 125 -22.96 25.47 29.59
C PHE A 125 -24.27 26.16 29.95
N GLY A 126 -25.23 26.08 29.05
CA GLY A 126 -26.51 26.71 29.27
C GLY A 126 -27.62 25.76 29.69
N ALA A 127 -28.83 26.31 29.80
CA ALA A 127 -30.01 25.56 30.23
C ALA A 127 -30.39 24.44 29.27
N ASN A 128 -29.82 24.46 28.06
CA ASN A 128 -30.13 23.45 27.05
C ASN A 128 -28.99 22.46 26.83
N SER A 129 -28.05 22.39 27.77
CA SER A 129 -26.93 21.47 27.61
C SER A 129 -27.32 20.08 28.11
N VAL A 130 -26.37 19.14 28.05
CA VAL A 130 -26.64 17.78 28.49
C VAL A 130 -26.33 17.66 29.98
N LEU A 131 -25.56 18.62 30.49
CA LEU A 131 -25.18 18.64 31.91
C LEU A 131 -26.29 19.28 32.73
N LYS A 132 -26.27 19.05 34.04
CA LYS A 132 -27.27 19.64 34.92
C LYS A 132 -27.10 21.16 34.97
N PRO A 133 -28.21 21.89 35.20
CA PRO A 133 -28.20 23.35 35.28
C PRO A 133 -27.16 24.02 36.17
N GLU A 134 -26.92 23.46 37.36
CA GLU A 134 -25.94 24.03 38.27
C GLU A 134 -24.54 24.11 37.68
N ILE A 135 -24.20 23.19 36.78
CA ILE A 135 -22.89 23.21 36.14
C ILE A 135 -22.99 24.20 34.98
N LYS A 136 -22.24 25.30 35.05
CA LYS A 136 -22.31 26.32 34.02
C LYS A 136 -21.03 26.63 33.27
N ARG A 137 -19.91 26.12 33.74
CA ARG A 137 -18.63 26.40 33.11
C ARG A 137 -17.78 25.14 32.92
N GLY A 138 -16.91 25.17 31.90
CA GLY A 138 -16.04 24.04 31.63
C GLY A 138 -14.86 24.39 30.74
N PHE A 139 -14.16 23.36 30.27
CA PHE A 139 -13.00 23.53 29.40
C PHE A 139 -12.98 22.38 28.41
N GLU A 140 -12.34 22.58 27.26
CA GLU A 140 -12.25 21.53 26.24
C GLU A 140 -10.81 21.47 25.72
N TYR A 141 -10.31 20.24 25.51
CA TYR A 141 -8.96 20.05 25.01
C TYR A 141 -8.86 18.85 24.08
N SER A 142 -7.68 18.64 23.50
CA SER A 142 -7.46 17.54 22.58
C SER A 142 -6.75 16.32 23.17
N ASP A 143 -6.94 15.19 22.48
CA ASP A 143 -6.35 13.89 22.81
C ASP A 143 -6.84 12.97 21.71
N CYS A 144 -6.52 11.68 21.80
CA CYS A 144 -6.94 10.77 20.75
C CYS A 144 -7.58 9.47 21.22
N TRP A 145 -8.29 8.83 20.29
CA TRP A 145 -8.96 7.57 20.54
C TRP A 145 -8.32 6.54 19.62
N VAL A 146 -8.14 5.32 20.11
CA VAL A 146 -7.53 4.26 19.30
C VAL A 146 -8.13 2.89 19.60
N ASP A 147 -8.29 2.09 18.55
CA ASP A 147 -8.83 0.74 18.69
C ASP A 147 -7.69 -0.09 19.29
N ASP A 148 -7.59 -0.08 20.61
CA ASP A 148 -6.51 -0.78 21.31
C ASP A 148 -6.16 -2.18 20.84
N ALA A 149 -7.16 -3.07 20.78
CA ALA A 149 -6.90 -4.44 20.35
C ALA A 149 -6.36 -4.50 18.92
N ARG A 150 -6.81 -3.58 18.08
CA ARG A 150 -6.35 -3.58 16.69
C ARG A 150 -4.97 -2.93 16.51
N LEU A 151 -4.56 -2.12 17.49
CA LEU A 151 -3.24 -1.50 17.42
C LEU A 151 -2.24 -2.62 17.69
N VAL A 152 -2.65 -3.58 18.51
CA VAL A 152 -1.82 -4.74 18.84
C VAL A 152 -1.70 -5.62 17.59
N LEU A 153 -2.82 -5.89 16.94
CA LEU A 153 -2.78 -6.71 15.72
C LEU A 153 -1.87 -6.11 14.66
N ALA A 154 -1.99 -4.80 14.45
CA ALA A 154 -1.18 -4.10 13.45
C ALA A 154 0.32 -4.35 13.68
N ASN A 155 0.73 -4.31 14.94
CA ASN A 155 2.14 -4.54 15.24
C ASN A 155 2.53 -5.99 15.01
N ALA A 156 1.62 -6.91 15.28
CA ALA A 156 1.90 -8.32 15.07
C ALA A 156 2.11 -8.56 13.56
N GLN A 157 1.32 -7.88 12.74
CA GLN A 157 1.43 -8.01 11.29
C GLN A 157 2.77 -7.45 10.85
N MET A 158 3.17 -6.33 11.45
CA MET A 158 4.45 -5.71 11.13
C MET A 158 5.56 -6.74 11.38
N VAL A 159 5.50 -7.43 12.52
CA VAL A 159 6.50 -8.45 12.86
C VAL A 159 6.69 -9.40 11.67
N VAL A 160 5.58 -9.96 11.20
CA VAL A 160 5.57 -10.88 10.06
C VAL A 160 6.04 -10.17 8.79
N ARG A 161 5.58 -8.94 8.58
CA ARG A 161 5.97 -8.17 7.41
C ARG A 161 7.48 -8.11 7.29
N LYS A 162 8.16 -8.18 8.42
CA LYS A 162 9.63 -8.13 8.42
C LYS A 162 10.26 -9.45 8.85
N GLY A 163 9.83 -10.53 8.22
CA GLY A 163 10.37 -11.85 8.48
C GLY A 163 10.25 -12.41 9.88
N GLY A 164 9.54 -11.72 10.76
CA GLY A 164 9.38 -12.21 12.13
C GLY A 164 8.37 -13.34 12.20
N GLU A 165 8.29 -13.98 13.36
CA GLU A 165 7.37 -15.09 13.58
C GLU A 165 6.47 -14.79 14.77
N VAL A 166 5.18 -15.11 14.64
CA VAL A 166 4.22 -14.87 15.71
C VAL A 166 3.36 -16.11 15.94
N LEU A 167 3.36 -16.62 17.16
CA LEU A 167 2.57 -17.80 17.48
C LEU A 167 1.60 -17.49 18.60
N THR A 168 0.32 -17.83 18.42
CA THR A 168 -0.66 -17.60 19.46
C THR A 168 -1.10 -18.94 20.03
N ARG A 169 -1.88 -18.90 21.10
CA ARG A 169 -2.35 -20.11 21.77
C ARG A 169 -1.15 -21.01 22.12
N THR A 170 -0.02 -20.34 22.34
CA THR A 170 1.23 -21.02 22.69
C THR A 170 1.77 -20.37 23.96
N ARG A 171 1.68 -21.08 25.07
CA ARG A 171 2.14 -20.57 26.35
C ARG A 171 3.56 -20.99 26.70
N ALA A 172 4.42 -20.01 26.98
CA ALA A 172 5.80 -20.30 27.36
C ALA A 172 5.73 -20.86 28.78
N THR A 173 6.33 -22.02 28.99
CA THR A 173 6.30 -22.65 30.31
C THR A 173 7.60 -22.48 31.08
N SER A 174 8.71 -22.29 30.38
CA SER A 174 9.97 -22.08 31.06
C SER A 174 11.01 -21.45 30.15
N ALA A 175 12.03 -20.89 30.79
CA ALA A 175 13.12 -20.25 30.10
C ALA A 175 14.31 -20.24 31.05
N ARG A 176 15.45 -20.70 30.58
CA ARG A 176 16.65 -20.72 31.39
C ARG A 176 17.90 -20.57 30.54
N ARG A 177 18.94 -19.99 31.14
CA ARG A 177 20.20 -19.79 30.43
C ARG A 177 20.97 -21.10 30.38
N GLU A 178 21.61 -21.36 29.24
CA GLU A 178 22.39 -22.57 29.07
C GLU A 178 23.45 -22.39 27.99
N ASN A 179 24.72 -22.47 28.39
CA ASN A 179 25.83 -22.34 27.46
C ASN A 179 25.81 -21.03 26.68
N GLY A 180 25.39 -19.96 27.35
CA GLY A 180 25.34 -18.65 26.71
C GLY A 180 24.07 -18.38 25.91
N LEU A 181 23.14 -19.33 25.90
CA LEU A 181 21.90 -19.18 25.17
C LEU A 181 20.65 -19.43 26.01
N TRP A 182 19.54 -18.85 25.56
CA TRP A 182 18.27 -19.03 26.24
C TRP A 182 17.59 -20.27 25.65
N ILE A 183 17.04 -21.11 26.51
CA ILE A 183 16.31 -22.28 26.06
C ILE A 183 14.88 -21.97 26.48
N VAL A 184 14.01 -21.73 25.52
CA VAL A 184 12.63 -21.41 25.81
C VAL A 184 11.71 -22.56 25.45
N GLU A 185 10.91 -22.99 26.41
CA GLU A 185 9.97 -24.07 26.20
C GLU A 185 8.54 -23.52 26.26
N ALA A 186 7.72 -23.99 25.33
CA ALA A 186 6.32 -23.58 25.24
C ALA A 186 5.45 -24.75 24.81
N GLU A 187 4.14 -24.60 25.00
CA GLU A 187 3.22 -25.64 24.60
C GLU A 187 1.91 -25.06 24.10
N ASP A 188 1.38 -25.68 23.06
CA ASP A 188 0.12 -25.26 22.48
C ASP A 188 -0.96 -25.55 23.51
N ILE A 189 -1.66 -24.51 23.96
CA ILE A 189 -2.68 -24.70 24.98
C ILE A 189 -3.84 -25.60 24.55
N ASP A 190 -3.95 -25.90 23.26
CA ASP A 190 -5.03 -26.74 22.79
C ASP A 190 -4.58 -28.19 22.54
N THR A 191 -3.57 -28.35 21.67
CA THR A 191 -3.06 -29.68 21.32
C THR A 191 -2.01 -30.26 22.26
N GLY A 192 -1.42 -29.41 23.10
CA GLY A 192 -0.39 -29.90 24.00
C GLY A 192 0.95 -30.02 23.31
N LYS A 193 0.99 -29.73 22.01
CA LYS A 193 2.24 -29.81 21.27
C LYS A 193 3.29 -28.95 21.97
N LYS A 194 4.45 -29.55 22.23
CA LYS A 194 5.52 -28.83 22.90
C LYS A 194 6.53 -28.28 21.93
N TYR A 195 7.17 -27.18 22.32
CA TYR A 195 8.18 -26.53 21.51
C TYR A 195 9.40 -26.25 22.37
N SER A 196 10.55 -26.15 21.71
CA SER A 196 11.78 -25.84 22.40
C SER A 196 12.62 -25.01 21.44
N TRP A 197 12.98 -23.81 21.85
CA TRP A 197 13.77 -22.92 21.02
C TRP A 197 15.02 -22.44 21.75
N GLN A 198 15.97 -21.94 20.96
CA GLN A 198 17.20 -21.39 21.49
C GLN A 198 17.20 -19.93 21.08
N ALA A 199 17.56 -19.04 22.00
CA ALA A 199 17.58 -17.62 21.68
C ALA A 199 18.81 -16.94 22.26
N ARG A 200 19.18 -15.83 21.65
CA ARG A 200 20.33 -15.05 22.09
C ARG A 200 19.86 -13.97 23.07
N GLY A 201 18.55 -13.74 23.08
CA GLY A 201 17.98 -12.74 23.98
C GLY A 201 16.56 -13.09 24.34
N LEU A 202 16.09 -12.59 25.49
CA LEU A 202 14.73 -12.87 25.95
C LEU A 202 14.06 -11.64 26.56
N VAL A 203 12.81 -11.41 26.17
CA VAL A 203 12.04 -10.28 26.69
C VAL A 203 10.82 -10.80 27.43
N ASN A 204 10.66 -10.37 28.68
CA ASN A 204 9.52 -10.74 29.47
C ASN A 204 8.54 -9.56 29.44
N ALA A 205 7.59 -9.62 28.51
CA ALA A 205 6.58 -8.57 28.36
C ALA A 205 5.20 -9.19 28.56
N THR A 206 5.03 -9.87 29.68
CA THR A 206 3.78 -10.55 30.00
C THR A 206 2.80 -9.76 30.86
N GLY A 207 3.00 -8.44 30.91
CA GLY A 207 2.12 -7.56 31.68
C GLY A 207 1.83 -7.96 33.12
N PRO A 208 0.56 -8.27 33.44
CA PRO A 208 0.12 -8.67 34.78
C PRO A 208 0.87 -9.90 35.30
N TRP A 209 1.40 -10.70 34.37
CA TRP A 209 2.12 -11.91 34.72
C TRP A 209 3.64 -11.76 34.82
N VAL A 210 4.14 -10.55 34.58
CA VAL A 210 5.59 -10.30 34.59
C VAL A 210 6.38 -10.91 35.76
N LYS A 211 5.92 -10.73 36.99
CA LYS A 211 6.62 -11.29 38.14
C LYS A 211 6.33 -12.79 38.23
N GLN A 212 5.10 -13.16 37.93
CA GLN A 212 4.69 -14.56 37.95
C GLN A 212 5.61 -15.40 37.05
N PHE A 213 5.98 -14.88 35.89
CA PHE A 213 6.84 -15.64 34.99
C PHE A 213 8.26 -15.75 35.56
N PHE A 214 8.68 -14.73 36.31
CA PHE A 214 10.00 -14.75 36.93
C PHE A 214 10.02 -15.90 37.94
N ASP A 215 8.98 -15.97 38.78
CA ASP A 215 8.91 -17.01 39.80
C ASP A 215 8.70 -18.43 39.25
N ASP A 216 7.65 -18.63 38.45
CA ASP A 216 7.34 -19.96 37.93
C ASP A 216 8.02 -20.37 36.61
N GLY A 217 8.26 -19.40 35.75
CA GLY A 217 8.88 -19.71 34.47
C GLY A 217 10.39 -19.78 34.43
N MET A 218 11.06 -18.89 35.16
CA MET A 218 12.52 -18.83 35.14
C MET A 218 13.20 -19.10 36.49
N HIS A 219 12.41 -19.07 37.58
CA HIS A 219 12.96 -19.27 38.92
C HIS A 219 14.07 -18.26 39.19
N LEU A 220 13.86 -17.03 38.73
CA LEU A 220 14.81 -15.93 38.93
C LEU A 220 14.09 -14.84 39.72
N PRO A 221 14.84 -14.03 40.49
CA PRO A 221 14.20 -12.97 41.26
C PRO A 221 13.78 -11.80 40.38
N SER A 222 12.54 -11.36 40.52
CA SER A 222 12.03 -10.24 39.73
C SER A 222 12.63 -8.94 40.26
N PRO A 223 13.11 -8.06 39.37
CA PRO A 223 13.70 -6.81 39.82
C PRO A 223 12.71 -5.84 40.45
N TYR A 224 11.42 -6.03 40.15
CA TYR A 224 10.40 -5.15 40.68
C TYR A 224 9.12 -5.89 41.05
N GLY A 225 8.35 -5.27 41.94
CA GLY A 225 7.09 -5.85 42.34
C GLY A 225 6.08 -5.32 41.35
N ILE A 226 4.85 -5.83 41.42
CA ILE A 226 3.82 -5.36 40.51
C ILE A 226 2.51 -5.16 41.29
N ARG A 227 1.90 -4.01 41.10
CA ARG A 227 0.64 -3.71 41.75
C ARG A 227 -0.44 -3.93 40.70
N LEU A 228 -1.37 -4.83 40.99
CA LEU A 228 -2.45 -5.10 40.05
C LEU A 228 -3.63 -4.21 40.42
N ILE A 229 -3.87 -3.19 39.61
CA ILE A 229 -4.94 -2.26 39.87
C ILE A 229 -6.05 -2.43 38.83
N LYS A 230 -7.13 -3.08 39.24
CA LYS A 230 -8.27 -3.32 38.37
C LYS A 230 -8.98 -2.04 37.98
N GLY A 231 -9.53 -2.04 36.77
CA GLY A 231 -10.29 -0.90 36.26
C GLY A 231 -11.38 -1.45 35.37
N SER A 232 -12.61 -1.01 35.56
CA SER A 232 -13.74 -1.49 34.77
C SER A 232 -14.44 -0.39 34.00
N HIS A 233 -15.22 -0.78 32.99
CA HIS A 233 -15.96 0.16 32.17
C HIS A 233 -17.35 -0.41 31.93
N ILE A 234 -18.33 0.47 31.74
CA ILE A 234 -19.69 0.03 31.42
C ILE A 234 -20.08 0.67 30.08
N VAL A 235 -20.90 -0.03 29.30
CA VAL A 235 -21.33 0.49 28.02
C VAL A 235 -22.84 0.66 28.00
N VAL A 236 -23.30 1.77 27.45
CA VAL A 236 -24.73 2.05 27.36
C VAL A 236 -25.06 2.70 26.03
N PRO A 237 -26.35 2.70 25.64
CA PRO A 237 -26.70 3.33 24.36
C PRO A 237 -26.19 4.75 24.54
N ARG A 238 -25.67 5.37 23.49
CA ARG A 238 -25.12 6.71 23.62
C ARG A 238 -26.02 7.66 24.42
N VAL A 239 -25.41 8.31 25.40
CA VAL A 239 -26.12 9.21 26.31
C VAL A 239 -26.52 10.54 25.69
N HIS A 240 -25.92 10.88 24.55
CA HIS A 240 -26.24 12.11 23.84
C HIS A 240 -25.70 11.98 22.41
N THR A 241 -26.00 12.97 21.57
CA THR A 241 -25.60 12.96 20.17
C THR A 241 -24.29 13.72 19.89
N GLN A 242 -23.72 14.31 20.93
CA GLN A 242 -22.47 15.07 20.79
C GLN A 242 -21.28 14.19 20.43
N LYS A 243 -20.37 14.72 19.62
CA LYS A 243 -19.20 13.94 19.22
C LYS A 243 -18.06 14.00 20.23
N GLN A 244 -18.10 14.95 21.16
CA GLN A 244 -17.01 15.02 22.13
C GLN A 244 -17.22 14.17 23.38
N ALA A 245 -16.10 13.90 24.04
CA ALA A 245 -16.11 13.11 25.26
C ALA A 245 -16.09 14.08 26.41
N TYR A 246 -16.49 13.60 27.58
CA TYR A 246 -16.47 14.42 28.78
C TYR A 246 -15.51 13.75 29.75
N ILE A 247 -14.86 14.56 30.58
CA ILE A 247 -13.94 14.06 31.58
C ILE A 247 -14.47 14.66 32.88
N LEU A 248 -15.03 13.81 33.73
CA LEU A 248 -15.64 14.26 34.98
C LEU A 248 -14.78 14.15 36.23
N GLN A 249 -14.81 15.20 37.05
CA GLN A 249 -14.08 15.26 38.30
C GLN A 249 -14.95 14.71 39.42
N ASN A 250 -14.54 13.57 39.98
CA ASN A 250 -15.29 12.93 41.05
C ASN A 250 -14.85 13.48 42.41
N GLU A 251 -15.65 13.24 43.44
CA GLU A 251 -15.36 13.72 44.80
C GLU A 251 -14.10 13.12 45.42
N ASP A 252 -13.63 12.00 44.91
CA ASP A 252 -12.43 11.36 45.45
C ASP A 252 -11.16 11.80 44.70
N LYS A 253 -11.30 12.86 43.91
CA LYS A 253 -10.19 13.41 43.13
C LYS A 253 -9.82 12.65 41.87
N ARG A 254 -10.54 11.57 41.56
CA ARG A 254 -10.27 10.83 40.34
C ARG A 254 -11.10 11.46 39.25
N ILE A 255 -10.81 11.12 38.00
CA ILE A 255 -11.60 11.63 36.90
C ILE A 255 -12.20 10.42 36.19
N VAL A 256 -13.38 10.58 35.62
CA VAL A 256 -14.06 9.50 34.91
C VAL A 256 -14.46 9.98 33.51
N PHE A 257 -14.29 9.11 32.53
CA PHE A 257 -14.61 9.43 31.14
C PHE A 257 -15.98 8.94 30.71
N VAL A 258 -16.54 9.66 29.73
CA VAL A 258 -17.82 9.35 29.09
C VAL A 258 -17.41 9.56 27.63
N ILE A 259 -17.18 8.45 26.93
CA ILE A 259 -16.68 8.48 25.55
C ILE A 259 -17.62 7.94 24.48
N PRO A 260 -17.79 8.68 23.37
CA PRO A 260 -18.66 8.24 22.27
C PRO A 260 -18.01 6.98 21.71
N TRP A 261 -18.80 5.95 21.43
CA TRP A 261 -18.24 4.69 20.93
C TRP A 261 -19.05 4.10 19.78
N MET A 262 -18.37 3.90 18.64
CA MET A 262 -18.97 3.34 17.43
C MET A 262 -20.30 3.96 17.02
N ASP A 263 -20.42 5.27 17.23
CA ASP A 263 -21.60 6.05 16.87
C ASP A 263 -22.92 5.64 17.52
N GLU A 264 -22.96 4.53 18.27
CA GLU A 264 -24.22 4.11 18.89
C GLU A 264 -24.15 3.99 20.40
N PHE A 265 -22.96 3.94 20.96
CA PHE A 265 -22.80 3.75 22.39
C PHE A 265 -21.95 4.83 23.05
N SER A 266 -21.88 4.75 24.38
CA SER A 266 -21.04 5.64 25.16
C SER A 266 -20.29 4.73 26.11
N ILE A 267 -18.98 4.90 26.22
CA ILE A 267 -18.22 4.11 27.17
C ILE A 267 -18.06 4.96 28.41
N ILE A 268 -18.34 4.41 29.55
CA ILE A 268 -18.09 5.09 30.80
C ILE A 268 -17.06 4.33 31.65
N GLY A 269 -15.98 4.98 32.02
CA GLY A 269 -14.90 4.40 32.79
C GLY A 269 -13.88 5.44 33.20
N THR A 270 -12.97 5.12 34.09
CA THR A 270 -12.77 3.81 34.70
C THR A 270 -12.64 3.89 36.27
N THR A 271 -12.06 2.88 36.93
CA THR A 271 -11.93 2.74 38.40
C THR A 271 -10.49 2.30 38.85
N ASP A 272 -10.14 2.27 40.17
CA ASP A 272 -8.82 1.90 40.69
C ASP A 272 -9.05 0.99 41.90
N VAL A 273 -9.14 -0.31 41.66
CA VAL A 273 -9.38 -1.24 42.75
C VAL A 273 -8.22 -2.22 42.91
N GLU A 274 -7.53 -2.16 44.05
CA GLU A 274 -6.42 -3.06 44.32
C GLU A 274 -6.93 -4.47 44.03
N TYR A 275 -6.18 -5.23 43.23
CA TYR A 275 -6.60 -6.57 42.87
C TYR A 275 -5.55 -7.63 43.17
N LYS A 276 -6.01 -8.82 43.52
CA LYS A 276 -5.13 -9.94 43.82
C LYS A 276 -5.76 -11.18 43.20
N GLY A 277 -4.94 -11.98 42.50
CA GLY A 277 -5.48 -13.18 41.89
C GLY A 277 -5.15 -13.33 40.42
N ASP A 278 -5.94 -14.18 39.75
CA ASP A 278 -5.75 -14.46 38.33
C ASP A 278 -6.27 -13.31 37.47
N PRO A 279 -5.38 -12.66 36.71
CA PRO A 279 -5.73 -11.54 35.83
C PRO A 279 -6.79 -11.92 34.78
N LYS A 280 -6.97 -13.21 34.57
CA LYS A 280 -7.95 -13.70 33.59
C LYS A 280 -9.35 -13.81 34.14
N ALA A 281 -9.49 -13.77 35.46
CA ALA A 281 -10.80 -13.89 36.09
C ALA A 281 -11.38 -12.53 36.50
N VAL A 282 -10.66 -11.45 36.20
CA VAL A 282 -11.11 -10.11 36.56
C VAL A 282 -12.45 -9.73 35.92
N LYS A 283 -13.34 -9.18 36.73
CA LYS A 283 -14.63 -8.72 36.26
C LYS A 283 -15.17 -7.59 37.14
N ILE A 284 -16.07 -6.80 36.59
CA ILE A 284 -16.62 -5.66 37.31
C ILE A 284 -17.46 -6.10 38.52
N GLU A 285 -17.41 -5.32 39.59
CA GLU A 285 -18.18 -5.62 40.79
C GLU A 285 -19.27 -4.57 40.98
N GLU A 286 -20.26 -4.88 41.80
CA GLU A 286 -21.39 -3.98 42.06
C GLU A 286 -21.00 -2.55 42.43
N SER A 287 -20.06 -2.39 43.34
CA SER A 287 -19.65 -1.05 43.76
C SER A 287 -19.03 -0.25 42.62
N GLU A 288 -18.39 -0.93 41.70
CA GLU A 288 -17.80 -0.24 40.56
C GLU A 288 -18.92 0.35 39.71
N ILE A 289 -19.96 -0.44 39.49
CA ILE A 289 -21.11 0.02 38.70
C ILE A 289 -21.76 1.22 39.39
N ASN A 290 -21.94 1.12 40.72
CA ASN A 290 -22.55 2.22 41.48
C ASN A 290 -21.69 3.47 41.42
N TYR A 291 -20.38 3.29 41.47
CA TYR A 291 -19.43 4.40 41.43
C TYR A 291 -19.47 5.13 40.09
N LEU A 292 -19.37 4.42 38.85
CA LEU A 292 -19.40 4.98 37.50
C LEU A 292 -20.74 5.64 37.17
N LEU A 293 -21.90 4.97 37.66
CA LEU A 293 -23.21 5.56 37.41
C LEU A 293 -23.43 6.82 38.24
N ASN A 294 -22.90 6.83 39.46
CA ASN A 294 -23.08 8.02 40.30
C ASN A 294 -22.39 9.25 39.72
N VAL A 295 -21.11 9.13 39.36
CA VAL A 295 -20.42 10.30 38.83
C VAL A 295 -21.08 10.80 37.54
N TYR A 296 -21.62 9.88 36.75
CA TYR A 296 -22.31 10.27 35.54
C TYR A 296 -23.63 10.97 35.87
N ASN A 297 -24.42 10.33 36.73
CA ASN A 297 -25.72 10.83 37.14
C ASN A 297 -25.67 12.17 37.89
N THR A 298 -24.55 12.47 38.53
CA THR A 298 -24.43 13.73 39.26
C THR A 298 -24.09 14.86 38.30
N HIS A 299 -23.58 14.51 37.12
CA HIS A 299 -23.22 15.51 36.12
C HIS A 299 -24.22 15.75 34.98
N PHE A 300 -24.86 14.69 34.49
CA PHE A 300 -25.80 14.81 33.37
C PHE A 300 -27.29 14.81 33.76
N LYS A 301 -28.12 15.44 32.93
CA LYS A 301 -29.56 15.49 33.18
C LYS A 301 -30.19 14.13 32.91
N LYS A 302 -29.92 13.57 31.74
CA LYS A 302 -30.46 12.28 31.38
C LYS A 302 -29.87 11.23 32.32
N GLN A 303 -30.70 10.74 33.24
CA GLN A 303 -30.28 9.76 34.22
C GLN A 303 -30.16 8.35 33.65
N LEU A 304 -29.17 7.61 34.14
CA LEU A 304 -28.92 6.23 33.70
C LEU A 304 -29.13 5.28 34.86
N SER A 305 -29.68 4.10 34.59
CA SER A 305 -29.86 3.11 35.63
C SER A 305 -29.06 1.88 35.25
N ARG A 306 -28.96 0.94 36.19
CA ARG A 306 -28.25 -0.31 35.98
C ARG A 306 -28.80 -1.04 34.76
N ASP A 307 -30.11 -0.92 34.53
CA ASP A 307 -30.80 -1.56 33.42
C ASP A 307 -30.42 -1.05 32.03
N ASP A 308 -29.77 0.11 31.95
CA ASP A 308 -29.36 0.66 30.65
C ASP A 308 -28.01 0.12 30.19
N ILE A 309 -27.32 -0.60 31.07
CA ILE A 309 -26.02 -1.15 30.71
C ILE A 309 -26.17 -2.31 29.74
N VAL A 310 -25.46 -2.23 28.62
CA VAL A 310 -25.51 -3.27 27.59
C VAL A 310 -24.26 -4.15 27.57
N TRP A 311 -23.20 -3.69 28.20
CA TRP A 311 -21.96 -4.46 28.26
C TRP A 311 -20.99 -3.84 29.23
N THR A 312 -20.09 -4.67 29.77
CA THR A 312 -19.07 -4.19 30.70
C THR A 312 -17.79 -4.94 30.38
N TYR A 313 -16.67 -4.37 30.78
CA TYR A 313 -15.40 -5.03 30.60
C TYR A 313 -14.50 -4.56 31.72
N SER A 314 -13.47 -5.36 32.00
CA SER A 314 -12.55 -5.06 33.07
C SER A 314 -11.18 -5.63 32.76
N GLY A 315 -10.16 -5.07 33.40
CA GLY A 315 -8.79 -5.53 33.20
C GLY A 315 -7.97 -5.05 34.38
N VAL A 316 -6.73 -5.52 34.51
CA VAL A 316 -5.88 -5.09 35.61
C VAL A 316 -4.62 -4.42 35.11
N ARG A 317 -4.35 -3.21 35.61
CA ARG A 317 -3.14 -2.49 35.20
C ARG A 317 -1.95 -3.08 35.91
N PRO A 318 -0.92 -3.51 35.17
CA PRO A 318 0.24 -4.06 35.86
C PRO A 318 1.20 -2.88 36.10
N LEU A 319 0.96 -2.15 37.18
CA LEU A 319 1.78 -0.98 37.51
C LEU A 319 3.01 -1.34 38.32
N CYS A 320 4.13 -0.72 37.97
CA CYS A 320 5.37 -0.94 38.67
C CYS A 320 5.16 -0.44 40.10
N ASP A 321 5.19 -1.36 41.05
CA ASP A 321 4.96 -1.04 42.46
C ASP A 321 5.91 -0.01 43.07
N ASP A 322 5.46 1.24 43.16
CA ASP A 322 6.26 2.31 43.75
C ASP A 322 5.87 2.47 45.22
N GLU A 323 5.12 1.49 45.72
CA GLU A 323 4.65 1.47 47.10
C GLU A 323 3.64 2.55 47.47
N SER A 324 3.07 3.22 46.47
CA SER A 324 2.08 4.25 46.76
C SER A 324 0.89 3.64 47.49
N ASP A 325 0.47 4.29 48.56
CA ASP A 325 -0.64 3.81 49.37
C ASP A 325 -1.97 3.87 48.62
N SER A 326 -2.09 4.82 47.69
CA SER A 326 -3.32 5.00 46.92
C SER A 326 -3.21 4.48 45.49
N PRO A 327 -4.10 3.53 45.12
CA PRO A 327 -4.08 2.96 43.78
C PRO A 327 -4.08 4.02 42.68
N GLN A 328 -4.90 5.06 42.86
CA GLN A 328 -5.00 6.14 41.89
C GLN A 328 -3.72 6.97 41.85
N ALA A 329 -2.93 6.92 42.92
CA ALA A 329 -1.69 7.68 42.99
C ALA A 329 -0.46 6.93 42.47
N ILE A 330 -0.57 5.62 42.28
CA ILE A 330 0.55 4.83 41.78
C ILE A 330 0.94 5.35 40.40
N THR A 331 2.24 5.38 40.11
CA THR A 331 2.71 5.89 38.82
C THR A 331 2.31 5.02 37.63
N ARG A 332 2.05 5.67 36.51
CA ARG A 332 1.66 5.00 35.28
C ARG A 332 2.83 4.91 34.30
N ASP A 333 3.99 5.41 34.73
CA ASP A 333 5.18 5.36 33.88
C ASP A 333 5.69 3.93 33.90
N TYR A 334 6.40 3.52 32.85
CA TYR A 334 6.94 2.18 32.78
C TYR A 334 8.40 2.10 33.21
N THR A 335 8.87 0.90 33.50
CA THR A 335 10.24 0.66 33.89
C THR A 335 10.75 -0.58 33.16
N LEU A 336 11.92 -0.46 32.54
CA LEU A 336 12.52 -1.57 31.82
C LEU A 336 13.80 -1.99 32.53
N ASP A 337 13.98 -3.31 32.65
CA ASP A 337 15.15 -3.84 33.32
C ASP A 337 15.86 -4.86 32.42
N ILE A 338 17.16 -4.69 32.23
CA ILE A 338 17.90 -5.63 31.41
C ILE A 338 19.06 -6.21 32.21
N HIS A 339 19.25 -7.53 32.11
CA HIS A 339 20.29 -8.20 32.86
C HIS A 339 20.86 -9.36 32.06
N ASP A 340 22.18 -9.52 32.05
CA ASP A 340 22.81 -10.61 31.32
C ASP A 340 23.59 -11.52 32.27
N GLU A 341 24.12 -12.60 31.71
CA GLU A 341 24.90 -13.56 32.47
C GLU A 341 26.22 -13.77 31.72
N ASN A 342 27.31 -13.23 32.27
CA ASN A 342 28.62 -13.34 31.65
C ASN A 342 28.64 -12.61 30.31
N GLY A 343 27.93 -11.50 30.24
CA GLY A 343 27.88 -10.70 29.02
C GLY A 343 27.03 -11.25 27.89
N LYS A 344 26.28 -12.32 28.16
CA LYS A 344 25.43 -12.92 27.14
C LYS A 344 24.03 -13.24 27.66
N ALA A 345 23.17 -13.70 26.75
CA ALA A 345 21.80 -14.07 27.09
C ALA A 345 21.13 -13.01 27.95
N PRO A 346 20.92 -11.81 27.37
CA PRO A 346 20.27 -10.74 28.13
C PRO A 346 18.79 -11.02 28.34
N LEU A 347 18.25 -10.45 29.41
CA LEU A 347 16.84 -10.61 29.75
C LEU A 347 16.27 -9.22 30.00
N LEU A 348 15.36 -8.79 29.13
CA LEU A 348 14.73 -7.49 29.30
C LEU A 348 13.29 -7.72 29.76
N SER A 349 12.96 -7.18 30.93
CA SER A 349 11.62 -7.32 31.49
C SER A 349 10.91 -5.99 31.49
N VAL A 350 9.59 -6.02 31.30
CA VAL A 350 8.77 -4.82 31.24
C VAL A 350 7.80 -4.68 32.40
N PHE A 351 7.83 -3.52 33.05
CA PHE A 351 6.93 -3.24 34.16
C PHE A 351 6.15 -1.99 33.82
N GLY A 352 4.82 -2.11 33.81
CA GLY A 352 3.97 -0.98 33.47
C GLY A 352 4.07 -0.65 31.99
N GLY A 353 3.56 0.51 31.59
CA GLY A 353 3.66 0.90 30.18
C GLY A 353 2.35 1.04 29.41
N LYS A 354 1.73 2.21 29.50
CA LYS A 354 0.47 2.50 28.80
C LYS A 354 0.51 2.19 27.30
N LEU A 355 -0.67 2.01 26.70
CA LEU A 355 -0.72 1.76 25.27
C LEU A 355 -0.14 2.97 24.56
N THR A 356 -0.44 4.16 25.09
CA THR A 356 0.03 5.42 24.52
C THR A 356 1.54 5.53 24.35
N THR A 357 2.29 4.98 25.29
CA THR A 357 3.75 5.05 25.25
C THR A 357 4.46 3.80 24.74
N TYR A 358 3.71 2.84 24.19
CA TYR A 358 4.31 1.59 23.72
C TYR A 358 5.44 1.70 22.69
N ARG A 359 5.31 2.58 21.71
CA ARG A 359 6.35 2.70 20.68
C ARG A 359 7.67 3.20 21.26
N LYS A 360 7.58 4.17 22.16
CA LYS A 360 8.76 4.72 22.81
C LYS A 360 9.37 3.65 23.69
N LEU A 361 8.52 2.96 24.44
CA LEU A 361 8.96 1.89 25.31
C LEU A 361 9.72 0.84 24.50
N ALA A 362 9.15 0.45 23.36
CA ALA A 362 9.76 -0.54 22.49
C ALA A 362 11.12 -0.08 21.97
N GLU A 363 11.21 1.21 21.66
CA GLU A 363 12.43 1.79 21.14
C GLU A 363 13.52 1.76 22.22
N HIS A 364 13.17 2.17 23.44
CA HIS A 364 14.11 2.15 24.55
C HIS A 364 14.57 0.72 24.84
N ALA A 365 13.69 -0.25 24.61
CA ALA A 365 14.01 -1.65 24.85
C ALA A 365 15.09 -2.15 23.90
N LEU A 366 14.95 -1.84 22.62
CA LEU A 366 15.94 -2.27 21.65
C LEU A 366 17.24 -1.51 21.86
N GLU A 367 17.13 -0.37 22.52
CA GLU A 367 18.28 0.47 22.82
C GLU A 367 19.15 -0.26 23.84
N LYS A 368 18.51 -0.87 24.84
CA LYS A 368 19.21 -1.61 25.87
C LYS A 368 19.74 -2.94 25.33
N LEU A 369 19.05 -3.49 24.34
CA LEU A 369 19.44 -4.76 23.73
C LEU A 369 20.48 -4.62 22.64
N THR A 370 20.66 -3.41 22.12
CA THR A 370 21.62 -3.15 21.04
C THR A 370 23.03 -3.70 21.26
N PRO A 371 23.63 -3.42 22.42
CA PRO A 371 24.99 -3.92 22.68
C PRO A 371 25.19 -5.42 22.44
N TYR A 372 24.10 -6.18 22.47
CA TYR A 372 24.15 -7.63 22.29
C TYR A 372 23.93 -8.13 20.87
N TYR A 373 23.73 -7.24 19.91
CA TYR A 373 23.47 -7.70 18.56
C TYR A 373 24.34 -7.10 17.45
N GLN A 374 24.86 -8.02 16.63
CA GLN A 374 25.72 -7.74 15.48
C GLN A 374 25.69 -6.31 14.94
N GLY A 375 25.24 -6.19 13.70
CA GLY A 375 25.13 -4.89 13.07
C GLY A 375 23.67 -4.50 13.11
N ILE A 376 23.03 -4.77 14.24
CA ILE A 376 21.62 -4.45 14.45
C ILE A 376 21.33 -3.05 13.90
N GLY A 377 20.24 -2.94 13.15
CA GLY A 377 19.84 -1.67 12.58
C GLY A 377 19.43 -0.68 13.64
N PRO A 378 19.34 0.62 13.30
CA PRO A 378 18.96 1.66 14.24
C PRO A 378 17.44 1.77 14.37
N ALA A 379 16.99 2.78 15.10
CA ALA A 379 15.56 3.03 15.30
C ALA A 379 14.94 3.29 13.93
N TRP A 380 13.62 3.17 13.83
CA TRP A 380 12.95 3.37 12.55
C TRP A 380 11.43 3.51 12.62
N THR A 381 10.82 2.99 13.67
CA THR A 381 9.35 3.01 13.80
C THR A 381 8.68 4.39 13.79
N LYS A 382 9.42 5.43 14.14
CA LYS A 382 8.85 6.76 14.19
C LYS A 382 8.33 7.26 12.83
N GLU A 383 9.01 6.88 11.75
CA GLU A 383 8.60 7.31 10.42
C GLU A 383 7.90 6.20 9.65
N SER A 384 7.49 5.13 10.34
CA SER A 384 6.84 4.02 9.67
C SER A 384 5.31 4.14 9.67
N VAL A 385 4.68 3.25 8.92
CA VAL A 385 3.23 3.20 8.82
C VAL A 385 2.86 1.75 9.04
N LEU A 386 2.10 1.48 10.09
CA LEU A 386 1.68 0.12 10.43
C LEU A 386 0.77 -0.47 9.35
N PRO A 387 0.76 -1.81 9.23
CA PRO A 387 -0.09 -2.45 8.22
C PRO A 387 -1.52 -1.94 8.38
N GLY A 388 -2.17 -1.65 7.24
CA GLY A 388 -3.54 -1.15 7.26
C GLY A 388 -3.61 0.37 7.32
N GLY A 389 -2.49 1.01 7.62
CA GLY A 389 -2.49 2.46 7.71
C GLY A 389 -2.21 3.24 6.43
N ALA A 390 -1.92 2.55 5.34
CA ALA A 390 -1.61 3.23 4.08
C ALA A 390 -2.87 3.74 3.36
N ILE A 391 -3.55 4.70 3.96
CA ILE A 391 -4.76 5.27 3.39
C ILE A 391 -4.48 6.72 3.01
N GLU A 392 -5.52 7.52 2.83
CA GLU A 392 -5.34 8.92 2.49
C GLU A 392 -6.19 9.86 3.35
N GLY A 393 -7.14 9.31 4.10
CA GLY A 393 -7.99 10.16 4.93
C GLY A 393 -8.66 9.51 6.12
N ASP A 394 -9.25 8.33 5.92
CA ASP A 394 -9.98 7.55 6.94
C ASP A 394 -11.44 7.53 6.55
N ARG A 395 -12.10 8.65 6.78
CA ARG A 395 -13.48 8.86 6.39
C ARG A 395 -13.24 9.81 5.24
N ASP A 396 -12.51 10.86 5.59
CA ASP A 396 -12.09 11.95 4.72
C ASP A 396 -11.89 11.48 3.29
N ASP A 397 -11.36 10.27 3.16
CA ASP A 397 -11.10 9.69 1.85
C ASP A 397 -11.41 8.21 1.72
N TYR A 398 -10.69 7.40 2.46
CA TYR A 398 -10.84 5.95 2.38
C TYR A 398 -12.22 5.31 2.32
N ALA A 399 -13.08 5.60 3.28
CA ALA A 399 -14.42 5.02 3.26
C ALA A 399 -15.11 5.39 1.94
N ALA A 400 -15.06 6.66 1.57
CA ALA A 400 -15.66 7.12 0.33
C ALA A 400 -14.99 6.43 -0.86
N ARG A 401 -13.67 6.50 -0.90
CA ARG A 401 -12.89 5.88 -1.98
C ARG A 401 -13.14 4.37 -2.09
N LEU A 402 -13.42 3.71 -0.97
CA LEU A 402 -13.68 2.28 -0.99
C LEU A 402 -14.98 2.00 -1.73
N ARG A 403 -16.06 2.68 -1.36
CA ARG A 403 -17.35 2.48 -2.01
C ARG A 403 -17.26 2.83 -3.49
N ARG A 404 -16.40 3.80 -3.81
CA ARG A 404 -16.21 4.22 -5.18
C ARG A 404 -15.56 3.10 -5.98
N ARG A 405 -14.57 2.45 -5.38
CA ARG A 405 -13.87 1.34 -6.02
C ARG A 405 -14.71 0.06 -5.99
N TYR A 406 -15.35 -0.19 -4.85
CA TYR A 406 -16.19 -1.37 -4.66
C TYR A 406 -17.63 -0.89 -4.45
N PRO A 407 -18.29 -0.41 -5.51
CA PRO A 407 -19.67 0.09 -5.48
C PRO A 407 -20.73 -0.78 -4.80
N PHE A 408 -20.54 -2.10 -4.79
CA PHE A 408 -21.51 -2.99 -4.15
C PHE A 408 -21.50 -2.84 -2.62
N LEU A 409 -20.53 -2.09 -2.11
CA LEU A 409 -20.39 -1.87 -0.67
C LEU A 409 -21.36 -0.83 -0.12
N THR A 410 -22.21 -1.25 0.82
CA THR A 410 -23.15 -0.32 1.43
C THR A 410 -22.29 0.69 2.20
N GLU A 411 -22.86 1.84 2.54
CA GLU A 411 -22.12 2.86 3.25
C GLU A 411 -21.65 2.42 4.63
N SER A 412 -22.46 1.62 5.32
CA SER A 412 -22.08 1.15 6.64
C SER A 412 -20.90 0.18 6.54
N LEU A 413 -21.01 -0.81 5.65
CA LEU A 413 -19.94 -1.79 5.50
C LEU A 413 -18.63 -1.15 5.07
N ALA A 414 -18.71 -0.16 4.18
CA ALA A 414 -17.53 0.54 3.72
C ALA A 414 -16.87 1.26 4.89
N ARG A 415 -17.70 1.82 5.77
CA ARG A 415 -17.20 2.53 6.95
C ARG A 415 -16.46 1.55 7.84
N HIS A 416 -17.07 0.40 8.09
CA HIS A 416 -16.50 -0.65 8.93
C HIS A 416 -15.12 -1.09 8.44
N TYR A 417 -15.05 -1.50 7.17
CA TYR A 417 -13.77 -1.96 6.61
C TYR A 417 -12.71 -0.87 6.72
N ALA A 418 -13.09 0.35 6.38
CA ALA A 418 -12.17 1.49 6.42
C ALA A 418 -11.64 1.74 7.82
N ARG A 419 -12.54 1.71 8.80
CA ARG A 419 -12.17 1.95 10.19
C ARG A 419 -11.58 0.76 10.92
N THR A 420 -11.64 -0.41 10.27
CA THR A 420 -11.11 -1.63 10.87
C THR A 420 -9.84 -2.11 10.17
N TYR A 421 -9.98 -2.42 8.89
CA TYR A 421 -8.86 -2.95 8.11
C TYR A 421 -8.02 -1.93 7.36
N GLY A 422 -8.58 -0.75 7.12
CA GLY A 422 -7.83 0.26 6.39
C GLY A 422 -7.33 -0.27 5.06
N SER A 423 -6.07 0.00 4.72
CA SER A 423 -5.51 -0.44 3.45
C SER A 423 -5.42 -1.96 3.25
N ASN A 424 -5.85 -2.75 4.23
CA ASN A 424 -5.84 -4.20 4.09
C ASN A 424 -7.20 -4.66 3.54
N SER A 425 -8.11 -3.72 3.36
CA SER A 425 -9.45 -4.03 2.86
C SER A 425 -9.45 -4.70 1.48
N GLU A 426 -8.54 -4.29 0.61
CA GLU A 426 -8.50 -4.87 -0.73
C GLU A 426 -8.07 -6.33 -0.65
N LEU A 427 -7.31 -6.67 0.38
CA LEU A 427 -6.88 -8.05 0.56
C LEU A 427 -8.06 -8.89 1.04
N LEU A 428 -8.91 -8.29 1.86
CA LEU A 428 -10.09 -8.98 2.38
C LEU A 428 -11.12 -9.16 1.28
N LEU A 429 -11.33 -8.12 0.47
CA LEU A 429 -12.31 -8.18 -0.59
C LEU A 429 -11.88 -9.10 -1.73
N GLY A 430 -10.56 -9.26 -1.90
CA GLY A 430 -10.05 -10.13 -2.95
C GLY A 430 -10.68 -9.86 -4.31
N ASN A 431 -11.26 -10.88 -4.92
CA ASN A 431 -11.90 -10.71 -6.22
C ASN A 431 -13.42 -10.52 -6.15
N ALA A 432 -13.93 -10.13 -4.98
CA ALA A 432 -15.37 -9.92 -4.81
C ALA A 432 -15.86 -8.81 -5.75
N GLY A 433 -17.03 -9.01 -6.34
CA GLY A 433 -17.58 -8.02 -7.24
C GLY A 433 -19.04 -7.70 -6.90
N THR A 434 -19.61 -8.50 -6.01
CA THR A 434 -20.99 -8.31 -5.57
C THR A 434 -21.12 -8.71 -4.11
N VAL A 435 -22.25 -8.38 -3.50
CA VAL A 435 -22.50 -8.72 -2.10
C VAL A 435 -22.47 -10.23 -1.92
N SER A 436 -23.02 -10.94 -2.91
CA SER A 436 -23.08 -12.41 -2.86
C SER A 436 -21.70 -13.05 -2.83
N ASP A 437 -20.70 -12.38 -3.38
CA ASP A 437 -19.33 -12.92 -3.39
C ASP A 437 -18.69 -12.88 -2.01
N LEU A 438 -19.33 -12.17 -1.08
CA LEU A 438 -18.81 -12.06 0.27
C LEU A 438 -19.15 -13.29 1.11
N GLY A 439 -20.01 -14.15 0.58
CA GLY A 439 -20.37 -15.36 1.29
C GLY A 439 -21.44 -15.22 2.36
N GLU A 440 -21.49 -16.22 3.25
CA GLU A 440 -22.46 -16.26 4.33
C GLU A 440 -22.51 -15.00 5.16
N ASP A 441 -23.73 -14.56 5.46
CA ASP A 441 -23.95 -13.39 6.28
C ASP A 441 -24.21 -13.89 7.69
N PHE A 442 -23.31 -13.57 8.62
CA PHE A 442 -23.43 -14.00 10.00
C PHE A 442 -24.25 -13.01 10.82
N GLY A 443 -24.53 -11.86 10.23
CA GLY A 443 -25.30 -10.84 10.93
C GLY A 443 -24.59 -9.49 10.97
N HIS A 444 -25.37 -8.42 11.01
CA HIS A 444 -24.84 -7.05 11.07
C HIS A 444 -23.75 -6.84 10.02
N GLU A 445 -23.98 -7.36 8.82
CA GLU A 445 -23.04 -7.23 7.71
C GLU A 445 -21.64 -7.77 8.00
N PHE A 446 -21.58 -8.82 8.82
CA PHE A 446 -20.32 -9.47 9.14
C PHE A 446 -20.33 -10.72 8.26
N TYR A 447 -19.66 -10.63 7.12
CA TYR A 447 -19.63 -11.74 6.17
C TYR A 447 -18.48 -12.72 6.28
N GLU A 448 -18.69 -13.89 5.68
CA GLU A 448 -17.72 -14.97 5.65
C GLU A 448 -16.39 -14.47 5.10
N ALA A 449 -16.45 -13.56 4.14
CA ALA A 449 -15.23 -13.00 3.53
C ALA A 449 -14.37 -12.29 4.58
N GLU A 450 -15.02 -11.68 5.57
CA GLU A 450 -14.30 -10.98 6.62
C GLU A 450 -13.71 -11.98 7.61
N LEU A 451 -14.52 -12.96 8.02
CA LEU A 451 -14.08 -13.97 8.97
C LEU A 451 -12.96 -14.83 8.38
N LYS A 452 -13.06 -15.14 7.09
CA LYS A 452 -12.03 -15.94 6.44
C LYS A 452 -10.75 -15.13 6.42
N TYR A 453 -10.87 -13.84 6.20
CA TYR A 453 -9.73 -12.94 6.18
C TYR A 453 -9.06 -12.88 7.56
N LEU A 454 -9.89 -12.82 8.60
CA LEU A 454 -9.38 -12.75 9.97
C LEU A 454 -8.60 -13.99 10.37
N VAL A 455 -9.02 -15.15 9.87
CA VAL A 455 -8.33 -16.39 10.19
C VAL A 455 -7.02 -16.46 9.41
N ASP A 456 -7.06 -16.05 8.15
CA ASP A 456 -5.90 -16.09 7.27
C ASP A 456 -4.85 -15.02 7.55
N HIS A 457 -5.28 -13.84 7.98
CA HIS A 457 -4.35 -12.75 8.20
C HIS A 457 -4.29 -12.10 9.57
N GLU A 458 -5.21 -12.46 10.46
CA GLU A 458 -5.20 -11.85 11.78
C GLU A 458 -5.20 -12.84 12.96
N TRP A 459 -4.69 -14.04 12.72
CA TRP A 459 -4.58 -15.06 13.77
C TRP A 459 -5.87 -15.43 14.52
N VAL A 460 -7.04 -15.17 13.94
CA VAL A 460 -8.27 -15.52 14.64
C VAL A 460 -8.41 -17.04 14.72
N ARG A 461 -8.70 -17.54 15.92
CA ARG A 461 -8.87 -18.97 16.15
C ARG A 461 -10.21 -19.28 16.81
N ARG A 462 -10.70 -18.35 17.62
CA ARG A 462 -11.97 -18.49 18.32
C ARG A 462 -12.90 -17.33 18.00
N ALA A 463 -14.20 -17.54 18.21
CA ALA A 463 -15.19 -16.50 17.94
C ALA A 463 -14.90 -15.19 18.65
N ASP A 464 -14.56 -15.27 19.93
CA ASP A 464 -14.25 -14.07 20.69
C ASP A 464 -13.14 -13.25 20.06
N ASP A 465 -12.11 -13.93 19.55
CA ASP A 465 -11.00 -13.23 18.90
C ASP A 465 -11.58 -12.32 17.81
N ALA A 466 -12.45 -12.90 16.99
CA ALA A 466 -13.06 -12.18 15.88
C ALA A 466 -14.13 -11.17 16.24
N LEU A 467 -14.96 -11.48 17.23
CA LEU A 467 -16.07 -10.61 17.60
C LEU A 467 -15.85 -9.62 18.75
N TRP A 468 -14.75 -9.77 19.48
CA TRP A 468 -14.50 -8.87 20.61
C TRP A 468 -13.13 -8.22 20.63
N ARG A 469 -12.23 -8.70 19.77
CA ARG A 469 -10.89 -8.14 19.72
C ARG A 469 -10.55 -7.57 18.35
N ARG A 470 -10.63 -8.38 17.28
CA ARG A 470 -10.32 -7.84 15.95
C ARG A 470 -11.44 -6.88 15.56
N THR A 471 -12.63 -7.13 16.08
CA THR A 471 -13.80 -6.27 15.83
C THR A 471 -14.62 -6.21 17.11
N LYS A 472 -15.72 -5.48 17.06
CA LYS A 472 -16.62 -5.38 18.21
C LYS A 472 -18.01 -5.79 17.74
N GLN A 473 -18.04 -6.65 16.73
CA GLN A 473 -19.31 -7.15 16.19
C GLN A 473 -20.08 -7.87 17.28
N GLY A 474 -19.36 -8.32 18.30
CA GLY A 474 -20.01 -9.01 19.41
C GLY A 474 -21.10 -8.18 20.06
N MET A 475 -21.04 -6.87 19.86
CA MET A 475 -22.04 -5.97 20.42
C MET A 475 -23.40 -6.09 19.74
N TRP A 476 -23.41 -6.63 18.52
CA TRP A 476 -24.65 -6.77 17.77
C TRP A 476 -25.14 -8.20 17.51
N LEU A 477 -24.24 -9.17 17.45
CA LEU A 477 -24.66 -10.54 17.18
C LEU A 477 -25.27 -11.23 18.40
N ASN A 478 -26.44 -11.82 18.21
CA ASN A 478 -27.11 -12.52 19.30
C ASN A 478 -26.40 -13.83 19.59
N ALA A 479 -26.85 -14.54 20.62
CA ALA A 479 -26.25 -15.80 21.04
C ALA A 479 -26.15 -16.87 19.94
N ASP A 480 -27.20 -17.05 19.15
CA ASP A 480 -27.16 -18.06 18.10
C ASP A 480 -26.21 -17.67 16.97
N GLN A 481 -26.16 -16.38 16.65
CA GLN A 481 -25.29 -15.91 15.59
C GLN A 481 -23.81 -16.05 15.96
N GLN A 482 -23.51 -15.88 17.25
CA GLN A 482 -22.13 -16.01 17.70
C GLN A 482 -21.78 -17.49 17.72
N SER A 483 -22.78 -18.32 18.01
CA SER A 483 -22.59 -19.76 18.03
C SER A 483 -22.27 -20.22 16.61
N ARG A 484 -22.95 -19.65 15.63
CA ARG A 484 -22.71 -19.98 14.23
C ARG A 484 -21.30 -19.56 13.82
N VAL A 485 -20.84 -18.41 14.29
CA VAL A 485 -19.50 -17.96 13.94
C VAL A 485 -18.49 -18.97 14.45
N SER A 486 -18.67 -19.46 15.68
CA SER A 486 -17.76 -20.45 16.25
C SER A 486 -17.77 -21.76 15.47
N GLN A 487 -18.97 -22.14 15.01
CA GLN A 487 -19.15 -23.37 14.25
C GLN A 487 -18.41 -23.28 12.93
N TRP A 488 -18.50 -22.12 12.27
CA TRP A 488 -17.80 -21.90 11.01
C TRP A 488 -16.30 -22.07 11.22
N LEU A 489 -15.78 -21.39 12.25
CA LEU A 489 -14.34 -21.44 12.57
C LEU A 489 -13.85 -22.88 12.74
N VAL A 490 -14.66 -23.71 13.37
CA VAL A 490 -14.30 -25.10 13.57
C VAL A 490 -14.15 -25.78 12.22
N GLU A 491 -15.15 -25.61 11.36
CA GLU A 491 -15.15 -26.21 10.03
C GLU A 491 -14.03 -25.67 9.14
N TYR A 492 -13.66 -24.40 9.35
CA TYR A 492 -12.62 -23.80 8.54
C TYR A 492 -11.23 -24.15 9.06
N THR A 493 -11.07 -24.16 10.39
CA THR A 493 -9.78 -24.50 10.97
C THR A 493 -9.59 -26.01 10.99
N GLN A 494 -10.63 -26.75 10.62
CA GLN A 494 -10.55 -28.20 10.55
C GLN A 494 -9.71 -28.57 9.33
N GLN A 495 -10.37 -28.54 8.16
CA GLN A 495 -9.72 -28.84 6.89
C GLN A 495 -9.68 -27.59 5.99
N MET B 1 -26.94 6.67 -13.79
CA MET B 1 -27.57 6.86 -15.12
C MET B 1 -26.50 6.85 -16.22
N GLU B 2 -26.71 5.98 -17.21
CA GLU B 2 -25.78 5.83 -18.33
C GLU B 2 -24.93 7.03 -18.68
N THR B 3 -25.53 8.22 -18.67
CA THR B 3 -24.83 9.46 -19.00
C THR B 3 -23.51 9.58 -18.25
N LYS B 4 -22.42 9.29 -18.96
CA LYS B 4 -21.07 9.34 -18.41
C LYS B 4 -20.43 10.68 -18.72
N ASP B 5 -19.48 11.11 -17.89
CA ASP B 5 -18.80 12.38 -18.11
C ASP B 5 -17.90 12.33 -19.33
N LEU B 6 -16.98 11.36 -19.33
CA LEU B 6 -16.03 11.22 -20.41
C LEU B 6 -15.80 9.78 -20.83
N ILE B 7 -15.82 9.54 -22.14
CA ILE B 7 -15.57 8.22 -22.66
C ILE B 7 -14.27 8.28 -23.44
N VAL B 8 -13.38 7.34 -23.16
CA VAL B 8 -12.09 7.29 -23.82
C VAL B 8 -12.03 6.04 -24.69
N ILE B 9 -11.77 6.25 -25.98
CA ILE B 9 -11.68 5.14 -26.91
C ILE B 9 -10.19 4.89 -27.19
N GLY B 10 -9.70 3.76 -26.70
CA GLY B 10 -8.30 3.43 -26.89
C GLY B 10 -7.68 2.99 -25.57
N GLY B 11 -7.20 1.75 -25.54
CA GLY B 11 -6.60 1.21 -24.34
C GLY B 11 -5.08 1.06 -24.39
N GLY B 12 -4.41 2.01 -25.03
CA GLY B 12 -2.96 1.99 -25.08
C GLY B 12 -2.49 2.93 -24.01
N ILE B 13 -1.22 3.33 -24.04
CA ILE B 13 -0.71 4.22 -23.02
C ILE B 13 -1.38 5.61 -22.95
N ASN B 14 -1.67 6.20 -24.10
CA ASN B 14 -2.28 7.53 -24.10
C ASN B 14 -3.73 7.56 -23.62
N GLY B 15 -4.52 6.57 -24.06
CA GLY B 15 -5.90 6.53 -23.61
C GLY B 15 -6.01 6.15 -22.14
N ALA B 16 -5.14 5.25 -21.68
CA ALA B 16 -5.16 4.82 -20.29
C ALA B 16 -4.74 5.95 -19.36
N GLY B 17 -3.71 6.70 -19.77
CA GLY B 17 -3.23 7.81 -18.97
C GLY B 17 -4.25 8.92 -18.91
N ILE B 18 -4.95 9.14 -20.02
CA ILE B 18 -5.96 10.19 -20.05
C ILE B 18 -7.13 9.82 -19.14
N ALA B 19 -7.58 8.57 -19.26
CA ALA B 19 -8.70 8.09 -18.46
C ALA B 19 -8.37 8.11 -16.96
N ALA B 20 -7.14 7.75 -16.62
CA ALA B 20 -6.71 7.72 -15.22
C ALA B 20 -6.65 9.13 -14.64
N ASP B 21 -6.08 10.06 -15.39
CA ASP B 21 -5.98 11.42 -14.91
C ASP B 21 -7.40 11.96 -14.72
N ALA B 22 -8.28 11.69 -15.69
CA ALA B 22 -9.66 12.15 -15.62
C ALA B 22 -10.37 11.59 -14.38
N ALA B 23 -10.30 10.28 -14.20
CA ALA B 23 -10.94 9.64 -13.05
C ALA B 23 -10.50 10.31 -11.75
N GLY B 24 -9.20 10.59 -11.65
CA GLY B 24 -8.68 11.23 -10.46
C GLY B 24 -9.06 12.68 -10.30
N ARG B 25 -9.77 13.23 -11.29
CA ARG B 25 -10.21 14.61 -11.20
C ARG B 25 -11.70 14.67 -10.88
N GLY B 26 -12.28 13.49 -10.64
CA GLY B 26 -13.68 13.41 -10.28
C GLY B 26 -14.65 13.08 -11.40
N LEU B 27 -14.17 12.94 -12.62
CA LEU B 27 -15.07 12.65 -13.73
C LEU B 27 -15.45 11.17 -13.76
N SER B 28 -16.68 10.89 -14.16
CA SER B 28 -17.13 9.51 -14.30
C SER B 28 -16.55 9.10 -15.65
N VAL B 29 -15.60 8.18 -15.63
CA VAL B 29 -14.92 7.77 -16.85
C VAL B 29 -15.10 6.32 -17.27
N LEU B 30 -15.14 6.14 -18.59
CA LEU B 30 -15.27 4.82 -19.21
C LEU B 30 -14.21 4.74 -20.31
N MET B 31 -13.35 3.73 -20.22
CA MET B 31 -12.30 3.52 -21.22
C MET B 31 -12.62 2.25 -21.99
N LEU B 32 -12.57 2.35 -23.32
CA LEU B 32 -12.87 1.21 -24.18
C LEU B 32 -11.65 0.76 -24.99
N GLU B 33 -11.42 -0.54 -25.03
CA GLU B 33 -10.30 -1.12 -25.76
C GLU B 33 -10.83 -2.26 -26.63
N ALA B 34 -10.62 -2.15 -27.93
CA ALA B 34 -11.12 -3.14 -28.89
C ALA B 34 -10.63 -4.56 -28.66
N GLN B 35 -9.38 -4.71 -28.21
CA GLN B 35 -8.84 -6.03 -27.95
C GLN B 35 -8.28 -6.10 -26.54
N ASP B 36 -6.97 -6.13 -26.38
CA ASP B 36 -6.37 -6.17 -25.06
C ASP B 36 -5.63 -4.88 -24.78
N LEU B 37 -5.40 -4.59 -23.50
CA LEU B 37 -4.68 -3.38 -23.10
C LEU B 37 -3.27 -3.45 -23.68
N ALA B 38 -2.84 -2.35 -24.32
CA ALA B 38 -1.50 -2.27 -24.92
C ALA B 38 -1.26 -3.28 -26.04
N CYS B 39 -2.31 -3.86 -26.57
CA CYS B 39 -2.17 -4.86 -27.63
C CYS B 39 -1.52 -4.34 -28.91
N ALA B 40 -1.40 -3.02 -29.05
CA ALA B 40 -0.80 -2.48 -30.27
C ALA B 40 0.53 -1.77 -30.07
N THR B 41 0.59 -0.50 -30.45
CA THR B 41 1.83 0.26 -30.35
C THR B 41 2.51 0.32 -28.99
N SER B 42 1.72 0.39 -27.92
CA SER B 42 2.26 0.50 -26.57
C SER B 42 2.97 -0.73 -26.04
N SER B 43 2.93 -1.83 -26.78
CA SER B 43 3.64 -3.02 -26.34
C SER B 43 4.72 -3.36 -27.35
N ALA B 44 4.90 -2.51 -28.36
CA ALA B 44 5.91 -2.76 -29.39
C ALA B 44 6.99 -1.69 -29.45
N SER B 45 7.26 -1.06 -28.32
CA SER B 45 8.26 0.00 -28.27
C SER B 45 9.65 -0.54 -27.92
N SER B 46 10.62 0.37 -27.85
CA SER B 46 11.97 -0.01 -27.48
C SER B 46 12.05 -0.03 -25.95
N LYS B 47 10.90 0.21 -25.33
CA LYS B 47 10.76 0.19 -23.86
C LYS B 47 11.72 1.11 -23.09
N LEU B 48 11.91 2.32 -23.59
CA LEU B 48 12.79 3.29 -22.95
C LEU B 48 12.07 4.58 -22.56
N ILE B 49 12.41 5.10 -21.39
CA ILE B 49 11.86 6.37 -20.97
C ILE B 49 13.06 7.25 -21.24
N HIS B 50 13.11 7.85 -22.42
CA HIS B 50 14.26 8.67 -22.77
C HIS B 50 13.86 10.06 -23.21
N GLY B 51 14.82 10.98 -23.20
CA GLY B 51 14.56 12.34 -23.63
C GLY B 51 14.62 12.45 -25.13
N GLY B 52 15.28 11.48 -25.78
CA GLY B 52 15.40 11.48 -27.23
C GLY B 52 16.63 12.22 -27.73
N LEU B 53 17.80 11.65 -27.44
CA LEU B 53 19.07 12.25 -27.84
C LEU B 53 19.12 12.67 -29.31
N ARG B 54 18.70 11.77 -30.20
CA ARG B 54 18.73 12.04 -31.63
C ARG B 54 17.80 13.15 -32.12
N TYR B 55 16.78 13.50 -31.34
CA TYR B 55 15.86 14.56 -31.76
C TYR B 55 16.51 15.94 -31.63
N LEU B 56 17.57 16.01 -30.82
CA LEU B 56 18.30 17.25 -30.61
C LEU B 56 18.87 17.75 -31.94
N GLU B 57 19.24 16.81 -32.81
CA GLU B 57 19.79 17.15 -34.11
C GLU B 57 18.74 17.82 -35.00
N HIS B 58 17.47 17.61 -34.67
CA HIS B 58 16.39 18.21 -35.44
C HIS B 58 15.78 19.40 -34.71
N TYR B 59 16.39 19.78 -33.60
CA TYR B 59 15.95 20.92 -32.80
C TYR B 59 14.59 20.78 -32.12
N GLU B 60 14.26 19.57 -31.68
CA GLU B 60 12.99 19.29 -31.00
C GLU B 60 13.16 19.56 -29.50
N PHE B 61 13.53 20.79 -29.16
CA PHE B 61 13.76 21.18 -27.77
C PHE B 61 12.56 21.04 -26.83
N ARG B 62 11.37 21.40 -27.30
CA ARG B 62 10.19 21.30 -26.45
C ARG B 62 10.00 19.84 -26.02
N LEU B 63 10.01 18.95 -27.00
CA LEU B 63 9.83 17.52 -26.75
C LEU B 63 10.94 16.95 -25.86
N VAL B 64 12.19 17.13 -26.26
CA VAL B 64 13.33 16.59 -25.50
C VAL B 64 13.33 17.11 -24.06
N SER B 65 13.13 18.41 -23.90
CA SER B 65 13.10 19.03 -22.57
C SER B 65 12.06 18.36 -21.68
N GLU B 66 10.83 18.27 -22.18
CA GLU B 66 9.74 17.65 -21.44
C GLU B 66 9.99 16.17 -21.15
N ALA B 67 10.50 15.45 -22.13
CA ALA B 67 10.77 14.02 -21.97
C ALA B 67 11.81 13.75 -20.89
N LEU B 68 12.89 14.54 -20.87
CA LEU B 68 13.95 14.36 -19.88
C LEU B 68 13.43 14.52 -18.46
N ALA B 69 12.66 15.58 -18.23
CA ALA B 69 12.10 15.86 -16.92
C ALA B 69 11.14 14.78 -16.44
N GLU B 70 10.38 14.20 -17.37
CA GLU B 70 9.44 13.15 -17.02
C GLU B 70 10.06 11.84 -16.57
N ARG B 71 11.30 11.60 -16.98
CA ARG B 71 11.98 10.36 -16.60
C ARG B 71 11.92 10.12 -15.09
N GLU B 72 12.38 11.11 -14.32
CA GLU B 72 12.37 11.02 -12.87
C GLU B 72 10.97 10.94 -12.28
N VAL B 73 10.01 11.62 -12.90
CA VAL B 73 8.65 11.56 -12.41
C VAL B 73 8.12 10.14 -12.57
N LEU B 74 8.35 9.52 -13.73
CA LEU B 74 7.88 8.15 -13.97
C LEU B 74 8.57 7.13 -13.07
N LEU B 75 9.85 7.36 -12.80
CA LEU B 75 10.64 6.47 -11.94
C LEU B 75 9.99 6.40 -10.54
N LYS B 76 9.53 7.54 -10.05
CA LYS B 76 8.89 7.60 -8.72
C LYS B 76 7.49 6.99 -8.78
N MET B 77 6.79 7.20 -9.89
CA MET B 77 5.44 6.68 -10.06
C MET B 77 5.34 5.16 -10.19
N ALA B 78 6.31 4.54 -10.83
CA ALA B 78 6.30 3.09 -11.03
C ALA B 78 7.68 2.47 -10.87
N PRO B 79 8.22 2.48 -9.63
CA PRO B 79 9.54 1.91 -9.38
C PRO B 79 9.64 0.40 -9.55
N HIS B 80 8.48 -0.27 -9.61
CA HIS B 80 8.48 -1.72 -9.78
C HIS B 80 8.72 -2.18 -11.21
N ILE B 81 8.45 -1.31 -12.18
CA ILE B 81 8.64 -1.66 -13.58
C ILE B 81 9.55 -0.72 -14.35
N ALA B 82 10.00 0.35 -13.70
CA ALA B 82 10.88 1.32 -14.35
C ALA B 82 12.12 1.51 -13.50
N PHE B 83 13.26 1.76 -14.15
CA PHE B 83 14.51 1.95 -13.43
C PHE B 83 15.58 2.60 -14.33
N PRO B 84 16.61 3.19 -13.71
CA PRO B 84 17.71 3.84 -14.42
C PRO B 84 18.55 2.86 -15.24
N MET B 85 19.10 3.35 -16.34
CA MET B 85 19.94 2.53 -17.20
C MET B 85 21.03 3.43 -17.77
N ARG B 86 22.19 2.86 -18.07
CA ARG B 86 23.29 3.64 -18.63
C ARG B 86 23.47 3.24 -20.09
N PHE B 87 23.69 4.23 -20.95
CA PHE B 87 23.86 3.99 -22.38
C PHE B 87 25.24 4.37 -22.89
N ARG B 88 25.85 3.45 -23.63
CA ARG B 88 27.19 3.68 -24.20
C ARG B 88 27.12 3.96 -25.70
N LEU B 89 27.64 5.12 -26.08
CA LEU B 89 27.67 5.57 -27.47
C LEU B 89 29.05 5.54 -28.10
N PRO B 90 29.35 4.51 -28.91
CA PRO B 90 30.65 4.38 -29.57
C PRO B 90 30.92 5.58 -30.48
N HIS B 91 32.14 6.07 -30.48
CA HIS B 91 32.48 7.22 -31.31
C HIS B 91 32.80 6.83 -32.76
N ARG B 92 32.20 7.55 -33.70
CA ARG B 92 32.42 7.33 -35.13
C ARG B 92 32.54 8.72 -35.73
N PRO B 93 33.74 9.31 -35.66
CA PRO B 93 34.05 10.65 -36.17
C PRO B 93 33.64 10.96 -37.60
N HIS B 94 33.57 9.95 -38.46
CA HIS B 94 33.20 10.19 -39.85
C HIS B 94 31.68 10.40 -39.98
N LEU B 95 30.97 10.23 -38.87
CA LEU B 95 29.52 10.42 -38.86
C LEU B 95 29.17 11.67 -38.06
N ARG B 96 29.74 11.77 -36.86
CA ARG B 96 29.52 12.92 -35.99
C ARG B 96 30.79 13.26 -35.23
N PRO B 97 31.24 14.53 -35.31
CA PRO B 97 32.45 14.95 -34.61
C PRO B 97 32.26 14.95 -33.11
N ALA B 98 33.34 14.70 -32.37
CA ALA B 98 33.28 14.66 -30.91
C ALA B 98 32.68 15.92 -30.30
N TRP B 99 33.06 17.09 -30.83
CA TRP B 99 32.54 18.34 -30.28
C TRP B 99 31.03 18.42 -30.39
N MET B 100 30.49 17.79 -31.43
CA MET B 100 29.04 17.81 -31.63
C MET B 100 28.39 16.91 -30.57
N ILE B 101 28.99 15.75 -30.33
CA ILE B 101 28.47 14.81 -29.34
C ILE B 101 28.42 15.44 -27.95
N ARG B 102 29.50 16.13 -27.57
CA ARG B 102 29.55 16.75 -26.25
C ARG B 102 28.49 17.81 -26.01
N ILE B 103 28.21 18.63 -27.03
CA ILE B 103 27.19 19.66 -26.88
C ILE B 103 25.84 19.00 -26.63
N GLY B 104 25.54 17.96 -27.40
CA GLY B 104 24.28 17.25 -27.23
C GLY B 104 24.15 16.68 -25.84
N LEU B 105 25.21 16.03 -25.36
CA LEU B 105 25.21 15.44 -24.03
C LEU B 105 25.04 16.49 -22.94
N PHE B 106 25.57 17.69 -23.19
CA PHE B 106 25.45 18.77 -22.21
C PHE B 106 23.98 19.13 -22.07
N MET B 107 23.31 19.32 -23.21
CA MET B 107 21.89 19.67 -23.20
C MET B 107 21.08 18.53 -22.59
N TYR B 108 21.43 17.30 -22.94
CA TYR B 108 20.72 16.14 -22.41
C TYR B 108 20.77 16.15 -20.89
N ASP B 109 21.90 16.58 -20.33
CA ASP B 109 22.09 16.62 -18.88
C ASP B 109 21.48 17.84 -18.18
N HIS B 110 21.25 18.92 -18.90
CA HIS B 110 20.71 20.13 -18.27
C HIS B 110 19.34 20.61 -18.75
N LEU B 111 18.93 20.19 -19.93
CA LEU B 111 17.64 20.58 -20.48
C LEU B 111 16.50 20.22 -19.53
N GLY B 112 16.76 19.26 -18.65
CA GLY B 112 15.77 18.83 -17.69
C GLY B 112 16.33 18.89 -16.28
N LYS B 113 15.45 18.83 -15.29
CA LYS B 113 15.87 18.88 -13.89
C LYS B 113 17.03 17.93 -13.57
N ARG B 114 16.73 16.63 -13.54
CA ARG B 114 17.70 15.60 -13.23
C ARG B 114 18.26 15.77 -11.82
N THR B 115 17.56 15.18 -10.86
CA THR B 115 17.99 15.25 -9.47
C THR B 115 18.44 13.89 -8.93
N SER B 116 18.46 12.88 -9.81
CA SER B 116 18.87 11.55 -9.40
C SER B 116 19.74 10.87 -10.46
N LEU B 117 19.33 10.94 -11.72
CA LEU B 117 20.09 10.35 -12.81
C LEU B 117 21.48 10.97 -12.94
N PRO B 118 22.52 10.12 -13.03
CA PRO B 118 23.91 10.58 -13.16
C PRO B 118 24.15 11.34 -14.47
N GLY B 119 25.25 12.09 -14.52
CA GLY B 119 25.59 12.85 -15.71
C GLY B 119 26.40 12.04 -16.70
N SER B 120 26.59 12.58 -17.90
CA SER B 120 27.33 11.90 -18.94
C SER B 120 28.83 11.85 -18.66
N THR B 121 29.50 10.89 -19.28
CA THR B 121 30.94 10.71 -19.10
C THR B 121 31.59 10.23 -20.39
N GLY B 122 32.92 10.31 -20.44
CA GLY B 122 33.64 9.86 -21.61
C GLY B 122 34.09 8.43 -21.39
N LEU B 123 34.42 7.71 -22.46
CA LEU B 123 34.86 6.32 -22.35
C LEU B 123 35.97 5.98 -23.33
N ARG B 124 36.75 4.97 -22.98
CA ARG B 124 37.83 4.47 -23.83
C ARG B 124 37.66 2.96 -23.91
N PHE B 125 37.73 2.42 -25.12
CA PHE B 125 37.57 0.99 -25.33
C PHE B 125 38.91 0.36 -25.67
N GLY B 126 39.24 -0.71 -24.96
CA GLY B 126 40.51 -1.39 -25.19
C GLY B 126 40.36 -2.68 -25.97
N ALA B 127 41.48 -3.41 -26.08
CA ALA B 127 41.52 -4.66 -26.82
C ALA B 127 40.66 -5.75 -26.19
N ASN B 128 40.20 -5.54 -24.96
CA ASN B 128 39.37 -6.53 -24.29
C ASN B 128 37.91 -6.10 -24.17
N SER B 129 37.49 -5.08 -24.94
CA SER B 129 36.11 -4.63 -24.88
C SER B 129 35.23 -5.57 -25.71
N VAL B 130 33.94 -5.26 -25.81
CA VAL B 130 33.04 -6.10 -26.58
C VAL B 130 32.95 -5.55 -28.01
N LEU B 131 33.45 -4.34 -28.20
CA LEU B 131 33.44 -3.69 -29.51
C LEU B 131 34.70 -4.06 -30.29
N LYS B 132 34.64 -3.95 -31.61
CA LYS B 132 35.81 -4.27 -32.43
C LYS B 132 36.96 -3.33 -32.10
N PRO B 133 38.21 -3.78 -32.33
CA PRO B 133 39.45 -3.04 -32.09
C PRO B 133 39.48 -1.59 -32.58
N GLU B 134 39.06 -1.37 -33.83
CA GLU B 134 39.07 -0.04 -34.41
C GLU B 134 38.30 1.02 -33.64
N ILE B 135 37.29 0.61 -32.88
CA ILE B 135 36.51 1.57 -32.09
C ILE B 135 37.26 1.78 -30.77
N LYS B 136 37.81 2.97 -30.58
CA LYS B 136 38.59 3.27 -29.39
C LYS B 136 37.93 4.18 -28.35
N ARG B 137 37.06 5.06 -28.80
CA ARG B 137 36.43 6.02 -27.89
C ARG B 137 34.91 5.93 -27.84
N GLY B 138 34.33 6.49 -26.78
CA GLY B 138 32.88 6.48 -26.63
C GLY B 138 32.40 7.46 -25.56
N PHE B 139 31.10 7.41 -25.27
CA PHE B 139 30.48 8.28 -24.28
C PHE B 139 29.40 7.48 -23.56
N GLU B 140 29.03 7.91 -22.35
CA GLU B 140 28.00 7.23 -21.59
C GLU B 140 27.09 8.26 -20.93
N TYR B 141 25.79 7.97 -20.91
CA TYR B 141 24.80 8.87 -20.31
C TYR B 141 23.62 8.09 -19.73
N SER B 142 22.72 8.79 -19.05
CA SER B 142 21.56 8.14 -18.43
C SER B 142 20.21 8.31 -19.15
N ASP B 143 19.36 7.32 -18.95
CA ASP B 143 17.99 7.28 -19.45
C ASP B 143 17.32 6.16 -18.67
N CYS B 144 16.09 5.79 -19.02
CA CYS B 144 15.41 4.75 -18.28
C CYS B 144 14.74 3.67 -19.11
N TRP B 145 14.53 2.52 -18.47
CA TRP B 145 13.88 1.38 -19.11
C TRP B 145 12.55 1.18 -18.40
N VAL B 146 11.51 0.82 -19.13
CA VAL B 146 10.20 0.60 -18.52
C VAL B 146 9.43 -0.53 -19.21
N ASP B 147 8.72 -1.31 -18.41
CA ASP B 147 7.91 -2.40 -18.93
C ASP B 147 6.67 -1.73 -19.56
N ASP B 148 6.80 -1.30 -20.81
CA ASP B 148 5.73 -0.59 -21.50
C ASP B 148 4.32 -1.13 -21.33
N ALA B 149 4.11 -2.41 -21.62
CA ALA B 149 2.80 -3.01 -21.49
C ALA B 149 2.26 -2.96 -20.06
N ARG B 150 3.14 -3.07 -19.07
CA ARG B 150 2.70 -3.04 -17.68
C ARG B 150 2.44 -1.61 -17.19
N LEU B 151 3.04 -0.63 -17.87
CA LEU B 151 2.83 0.77 -17.51
C LEU B 151 1.37 1.08 -17.90
N VAL B 152 0.94 0.51 -19.02
CA VAL B 152 -0.44 0.70 -19.48
C VAL B 152 -1.40 0.05 -18.47
N LEU B 153 -1.09 -1.19 -18.09
CA LEU B 153 -1.92 -1.92 -17.12
C LEU B 153 -2.08 -1.13 -15.81
N ALA B 154 -0.98 -0.56 -15.32
CA ALA B 154 -1.01 0.21 -14.07
C ALA B 154 -1.98 1.40 -14.16
N ASN B 155 -2.01 2.05 -15.30
CA ASN B 155 -2.90 3.19 -15.48
C ASN B 155 -4.35 2.74 -15.53
N ALA B 156 -4.59 1.59 -16.14
CA ALA B 156 -5.93 1.04 -16.22
C ALA B 156 -6.44 0.75 -14.81
N GLN B 157 -5.56 0.21 -13.96
CA GLN B 157 -5.94 -0.10 -12.58
C GLN B 157 -6.24 1.20 -11.84
N MET B 158 -5.45 2.24 -12.08
CA MET B 158 -5.67 3.52 -11.45
C MET B 158 -7.08 3.99 -11.81
N VAL B 159 -7.43 3.91 -13.10
CA VAL B 159 -8.77 4.29 -13.56
C VAL B 159 -9.83 3.69 -12.64
N VAL B 160 -9.76 2.37 -12.50
CA VAL B 160 -10.67 1.60 -11.68
C VAL B 160 -10.60 2.02 -10.21
N ARG B 161 -9.38 2.20 -9.71
CA ARG B 161 -9.16 2.61 -8.33
C ARG B 161 -9.85 3.93 -8.04
N LYS B 162 -9.96 4.78 -9.06
CA LYS B 162 -10.58 6.08 -8.90
C LYS B 162 -12.06 6.05 -9.29
N GLY B 163 -12.65 4.87 -9.29
CA GLY B 163 -14.05 4.74 -9.61
C GLY B 163 -14.41 4.68 -11.09
N GLY B 164 -13.39 4.62 -11.95
CA GLY B 164 -13.64 4.55 -13.38
C GLY B 164 -13.96 3.14 -13.85
N GLU B 165 -14.32 3.02 -15.12
CA GLU B 165 -14.68 1.73 -15.69
C GLU B 165 -13.80 1.42 -16.91
N VAL B 166 -13.37 0.16 -17.02
CA VAL B 166 -12.52 -0.26 -18.13
C VAL B 166 -13.08 -1.53 -18.77
N LEU B 167 -13.32 -1.47 -20.07
CA LEU B 167 -13.83 -2.63 -20.79
C LEU B 167 -12.87 -2.99 -21.91
N THR B 168 -12.52 -4.26 -22.02
CA THR B 168 -11.64 -4.70 -23.10
C THR B 168 -12.42 -5.62 -24.03
N ARG B 169 -11.81 -5.96 -25.17
CA ARG B 169 -12.45 -6.80 -26.17
C ARG B 169 -13.81 -6.17 -26.53
N THR B 170 -13.85 -4.84 -26.41
CA THR B 170 -15.04 -4.05 -26.72
C THR B 170 -14.63 -2.96 -27.70
N ARG B 171 -15.04 -3.13 -28.95
CA ARG B 171 -14.70 -2.16 -29.99
C ARG B 171 -15.76 -1.10 -30.24
N ALA B 172 -15.36 0.16 -30.18
CA ALA B 172 -16.29 1.25 -30.43
C ALA B 172 -16.52 1.23 -31.94
N THR B 173 -17.78 1.22 -32.34
CA THR B 173 -18.13 1.17 -33.76
C THR B 173 -18.60 2.52 -34.30
N SER B 174 -19.06 3.41 -33.42
CA SER B 174 -19.48 4.72 -33.86
C SER B 174 -19.70 5.69 -32.71
N ALA B 175 -19.55 6.97 -33.02
CA ALA B 175 -19.74 8.03 -32.05
C ALA B 175 -20.35 9.20 -32.83
N ARG B 176 -21.45 9.73 -32.31
CA ARG B 176 -22.11 10.86 -32.96
C ARG B 176 -22.70 11.79 -31.91
N ARG B 177 -22.80 13.06 -32.26
CA ARG B 177 -23.37 14.06 -31.35
C ARG B 177 -24.89 14.09 -31.47
N GLU B 178 -25.57 14.16 -30.33
CA GLU B 178 -27.02 14.21 -30.31
C GLU B 178 -27.55 14.95 -29.09
N ASN B 179 -28.30 16.03 -29.35
CA ASN B 179 -28.88 16.83 -28.29
C ASN B 179 -27.87 17.27 -27.24
N GLY B 180 -26.68 17.64 -27.69
CA GLY B 180 -25.64 18.10 -26.77
C GLY B 180 -24.85 17.00 -26.08
N LEU B 181 -25.08 15.76 -26.49
CA LEU B 181 -24.38 14.63 -25.89
C LEU B 181 -23.84 13.66 -26.93
N TRP B 182 -22.80 12.93 -26.55
CA TRP B 182 -22.23 11.93 -27.43
C TRP B 182 -22.97 10.61 -27.21
N ILE B 183 -23.22 9.89 -28.30
CA ILE B 183 -23.85 8.59 -28.20
C ILE B 183 -22.78 7.64 -28.76
N VAL B 184 -22.18 6.86 -27.87
CA VAL B 184 -21.12 5.93 -28.28
C VAL B 184 -21.62 4.49 -28.33
N GLU B 185 -21.45 3.87 -29.49
CA GLU B 185 -21.85 2.49 -29.66
C GLU B 185 -20.60 1.63 -29.77
N ALA B 186 -20.65 0.45 -29.15
CA ALA B 186 -19.54 -0.48 -29.16
C ALA B 186 -20.08 -1.90 -29.10
N GLU B 187 -19.27 -2.87 -29.47
CA GLU B 187 -19.70 -4.26 -29.42
C GLU B 187 -18.58 -5.17 -28.98
N ASP B 188 -18.96 -6.23 -28.26
CA ASP B 188 -18.00 -7.21 -27.78
C ASP B 188 -17.51 -7.99 -28.98
N ILE B 189 -16.21 -7.93 -29.24
CA ILE B 189 -15.64 -8.62 -30.40
C ILE B 189 -15.79 -10.13 -30.37
N ASP B 190 -16.14 -10.68 -29.21
CA ASP B 190 -16.32 -12.13 -29.10
C ASP B 190 -17.80 -12.54 -29.17
N THR B 191 -18.62 -11.97 -28.29
CA THR B 191 -20.04 -12.31 -28.23
C THR B 191 -20.97 -11.47 -29.09
N GLY B 192 -20.44 -10.42 -29.71
CA GLY B 192 -21.27 -9.57 -30.54
C GLY B 192 -22.23 -8.72 -29.73
N LYS B 193 -22.10 -8.78 -28.41
CA LYS B 193 -22.97 -8.00 -27.52
C LYS B 193 -22.82 -6.50 -27.81
N LYS B 194 -23.95 -5.84 -28.08
CA LYS B 194 -23.95 -4.42 -28.39
C LYS B 194 -24.05 -3.57 -27.13
N TYR B 195 -23.45 -2.40 -27.18
CA TYR B 195 -23.47 -1.45 -26.06
C TYR B 195 -23.82 -0.07 -26.60
N SER B 196 -24.36 0.77 -25.75
CA SER B 196 -24.72 2.12 -26.14
C SER B 196 -24.67 3.03 -24.92
N TRP B 197 -23.79 4.03 -24.96
CA TRP B 197 -23.64 4.96 -23.85
C TRP B 197 -23.84 6.40 -24.29
N GLN B 198 -24.08 7.26 -23.31
CA GLN B 198 -24.24 8.68 -23.55
C GLN B 198 -23.09 9.30 -22.77
N ALA B 199 -22.40 10.26 -23.37
CA ALA B 199 -21.29 10.89 -22.70
C ALA B 199 -21.30 12.39 -22.95
N ARG B 200 -20.72 13.13 -22.03
CA ARG B 200 -20.63 14.57 -22.15
C ARG B 200 -19.35 14.96 -22.89
N GLY B 201 -18.42 14.01 -22.99
CA GLY B 201 -17.16 14.26 -23.65
C GLY B 201 -16.60 12.97 -24.26
N LEU B 202 -15.84 13.10 -25.35
CA LEU B 202 -15.26 11.94 -26.01
C LEU B 202 -13.78 12.17 -26.35
N VAL B 203 -12.96 11.15 -26.11
CA VAL B 203 -11.54 11.22 -26.40
C VAL B 203 -11.18 10.13 -27.41
N ASN B 204 -10.59 10.55 -28.52
CA ASN B 204 -10.16 9.60 -29.55
C ASN B 204 -8.66 9.41 -29.40
N ALA B 205 -8.28 8.35 -28.71
CA ALA B 205 -6.88 8.02 -28.47
C ALA B 205 -6.62 6.61 -29.00
N THR B 206 -6.98 6.38 -30.27
CA THR B 206 -6.82 5.08 -30.88
C THR B 206 -5.50 4.91 -31.65
N GLY B 207 -4.53 5.77 -31.36
CA GLY B 207 -3.22 5.69 -32.00
C GLY B 207 -3.20 5.56 -33.52
N PRO B 208 -2.70 4.42 -34.05
CA PRO B 208 -2.61 4.17 -35.49
C PRO B 208 -3.95 4.31 -36.18
N TRP B 209 -5.02 4.09 -35.41
CA TRP B 209 -6.38 4.15 -35.94
C TRP B 209 -7.08 5.51 -35.80
N VAL B 210 -6.39 6.50 -35.23
CA VAL B 210 -6.96 7.82 -34.99
C VAL B 210 -7.75 8.44 -36.17
N LYS B 211 -7.15 8.48 -37.34
CA LYS B 211 -7.81 9.04 -38.50
C LYS B 211 -8.93 8.14 -39.02
N GLN B 212 -8.68 6.84 -39.07
CA GLN B 212 -9.71 5.94 -39.57
C GLN B 212 -10.95 5.94 -38.68
N PHE B 213 -10.79 6.26 -37.40
CA PHE B 213 -11.97 6.30 -36.53
C PHE B 213 -12.77 7.55 -36.88
N PHE B 214 -12.06 8.61 -37.27
CA PHE B 214 -12.72 9.85 -37.67
C PHE B 214 -13.54 9.54 -38.93
N ASP B 215 -12.92 8.84 -39.88
CA ASP B 215 -13.59 8.51 -41.13
C ASP B 215 -14.71 7.47 -41.05
N ASP B 216 -14.45 6.34 -40.39
CA ASP B 216 -15.46 5.28 -40.31
C ASP B 216 -16.33 5.28 -39.06
N GLY B 217 -15.80 5.79 -37.95
CA GLY B 217 -16.56 5.80 -36.72
C GLY B 217 -17.44 7.01 -36.49
N MET B 218 -16.93 8.20 -36.80
CA MET B 218 -17.69 9.42 -36.58
C MET B 218 -18.11 10.15 -37.87
N HIS B 219 -17.48 9.80 -38.98
CA HIS B 219 -17.78 10.43 -40.26
C HIS B 219 -17.53 11.94 -40.15
N LEU B 220 -16.44 12.29 -39.48
CA LEU B 220 -16.04 13.69 -39.30
C LEU B 220 -14.64 13.85 -39.88
N PRO B 221 -14.30 15.06 -40.34
CA PRO B 221 -12.97 15.28 -40.91
C PRO B 221 -11.90 15.32 -39.81
N SER B 222 -10.83 14.56 -40.00
CA SER B 222 -9.74 14.53 -39.03
C SER B 222 -8.93 15.81 -39.16
N PRO B 223 -8.55 16.43 -38.03
CA PRO B 223 -7.77 17.67 -38.06
C PRO B 223 -6.33 17.46 -38.54
N TYR B 224 -5.86 16.22 -38.51
CA TYR B 224 -4.51 15.93 -38.94
C TYR B 224 -4.38 14.59 -39.64
N GLY B 225 -3.32 14.44 -40.41
CA GLY B 225 -3.08 13.19 -41.10
C GLY B 225 -2.23 12.37 -40.17
N ILE B 226 -1.96 11.12 -40.53
CA ILE B 226 -1.14 10.27 -39.68
C ILE B 226 -0.16 9.49 -40.54
N ARG B 227 1.11 9.56 -40.18
CA ARG B 227 2.14 8.83 -40.89
C ARG B 227 2.43 7.57 -40.09
N LEU B 228 2.19 6.42 -40.69
CA LEU B 228 2.45 5.16 -40.02
C LEU B 228 3.86 4.70 -40.34
N ILE B 229 4.74 4.82 -39.36
CA ILE B 229 6.12 4.44 -39.54
C ILE B 229 6.41 3.18 -38.74
N LYS B 230 6.59 2.07 -39.45
CA LYS B 230 6.87 0.79 -38.82
C LYS B 230 8.27 0.74 -38.21
N GLY B 231 8.39 0.06 -37.08
CA GLY B 231 9.66 -0.10 -36.41
C GLY B 231 9.68 -1.51 -35.83
N SER B 232 10.75 -2.26 -36.10
CA SER B 232 10.87 -3.63 -35.61
C SER B 232 12.05 -3.85 -34.69
N HIS B 233 12.02 -4.98 -33.95
CA HIS B 233 13.08 -5.33 -33.03
C HIS B 233 13.36 -6.83 -33.12
N ILE B 234 14.60 -7.22 -32.82
CA ILE B 234 14.93 -8.65 -32.81
C ILE B 234 15.46 -8.97 -31.41
N VAL B 235 15.25 -10.20 -30.96
CA VAL B 235 15.74 -10.60 -29.65
C VAL B 235 16.68 -11.78 -29.82
N VAL B 236 17.81 -11.71 -29.11
CA VAL B 236 18.81 -12.77 -29.15
C VAL B 236 19.33 -13.01 -27.74
N PRO B 237 19.94 -14.18 -27.50
CA PRO B 237 20.46 -14.43 -26.15
C PRO B 237 21.48 -13.32 -25.89
N ARG B 238 21.63 -12.90 -24.63
CA ARG B 238 22.58 -11.84 -24.28
C ARG B 238 23.85 -11.85 -25.12
N VAL B 239 24.17 -10.71 -25.74
CA VAL B 239 25.37 -10.60 -26.56
C VAL B 239 26.62 -10.40 -25.71
N HIS B 240 26.42 -9.98 -24.47
CA HIS B 240 27.50 -9.79 -23.50
C HIS B 240 26.87 -9.77 -22.11
N THR B 241 27.68 -9.76 -21.06
CA THR B 241 27.14 -9.75 -19.69
C THR B 241 27.18 -8.39 -19.01
N GLN B 242 27.36 -7.32 -19.78
CA GLN B 242 27.42 -5.98 -19.22
C GLN B 242 26.02 -5.43 -18.90
N LYS B 243 25.95 -4.53 -17.93
CA LYS B 243 24.67 -3.92 -17.53
C LYS B 243 24.23 -2.78 -18.43
N GLN B 244 25.17 -2.18 -19.14
CA GLN B 244 24.85 -1.05 -20.00
C GLN B 244 24.27 -1.39 -21.36
N ALA B 245 23.51 -0.44 -21.89
CA ALA B 245 22.92 -0.58 -23.21
C ALA B 245 23.87 0.18 -24.11
N TYR B 246 23.83 -0.12 -25.41
CA TYR B 246 24.67 0.59 -26.36
C TYR B 246 23.75 1.26 -27.35
N ILE B 247 24.17 2.42 -27.83
CA ILE B 247 23.41 3.17 -28.82
C ILE B 247 24.38 3.35 -29.97
N LEU B 248 24.10 2.66 -31.08
CA LEU B 248 24.99 2.69 -32.24
C LEU B 248 24.61 3.67 -33.35
N GLN B 249 25.63 4.37 -33.84
CA GLN B 249 25.45 5.34 -34.93
C GLN B 249 25.61 4.60 -36.26
N ASN B 250 24.54 4.55 -37.04
CA ASN B 250 24.56 3.87 -38.32
C ASN B 250 24.92 4.84 -39.45
N GLU B 251 25.29 4.29 -40.60
CA GLU B 251 25.68 5.07 -41.77
C GLU B 251 24.59 5.99 -42.34
N ASP B 252 23.32 5.66 -42.10
CA ASP B 252 22.21 6.46 -42.62
C ASP B 252 21.78 7.55 -41.64
N LYS B 253 22.61 7.79 -40.62
CA LYS B 253 22.36 8.80 -39.60
C LYS B 253 21.35 8.41 -38.52
N ARG B 254 20.81 7.19 -38.59
CA ARG B 254 19.87 6.74 -37.56
C ARG B 254 20.69 6.12 -36.44
N ILE B 255 20.03 5.88 -35.31
CA ILE B 255 20.65 5.29 -34.14
C ILE B 255 19.93 3.96 -33.89
N VAL B 256 20.65 2.95 -33.42
CA VAL B 256 20.09 1.64 -33.12
C VAL B 256 20.58 1.18 -31.74
N PHE B 257 19.66 0.69 -30.92
CA PHE B 257 20.01 0.24 -29.57
C PHE B 257 20.23 -1.25 -29.41
N VAL B 258 21.06 -1.59 -28.42
CA VAL B 258 21.36 -2.97 -28.02
C VAL B 258 21.09 -2.87 -26.52
N ILE B 259 19.94 -3.39 -26.09
CA ILE B 259 19.51 -3.29 -24.71
C ILE B 259 19.42 -4.61 -23.95
N PRO B 260 20.00 -4.68 -22.73
CA PRO B 260 19.96 -5.91 -21.92
C PRO B 260 18.48 -6.14 -21.58
N TRP B 261 18.01 -7.38 -21.68
CA TRP B 261 16.60 -7.66 -21.40
C TRP B 261 16.38 -8.90 -20.54
N MET B 262 15.73 -8.70 -19.40
CA MET B 262 15.43 -9.78 -18.46
C MET B 262 16.62 -10.67 -18.10
N ASP B 263 17.79 -10.06 -17.96
CA ASP B 263 19.01 -10.76 -17.58
C ASP B 263 19.50 -11.89 -18.50
N GLU B 264 18.69 -12.30 -19.47
CA GLU B 264 19.11 -13.39 -20.35
C GLU B 264 19.16 -13.02 -21.83
N PHE B 265 18.50 -11.92 -22.20
CA PHE B 265 18.45 -11.53 -23.59
C PHE B 265 18.97 -10.13 -23.90
N SER B 266 19.05 -9.85 -25.19
CA SER B 266 19.45 -8.54 -25.68
C SER B 266 18.42 -8.18 -26.74
N ILE B 267 17.94 -6.95 -26.71
CA ILE B 267 16.99 -6.47 -27.69
C ILE B 267 17.76 -5.53 -28.60
N ILE B 268 17.69 -5.77 -29.90
CA ILE B 268 18.36 -4.92 -30.86
C ILE B 268 17.23 -4.30 -31.65
N GLY B 269 17.16 -2.97 -31.63
CA GLY B 269 16.17 -2.16 -32.34
C GLY B 269 16.50 -0.68 -32.36
N THR B 270 15.87 0.13 -33.18
CA THR B 270 14.77 -0.18 -34.08
C THR B 270 14.98 0.33 -35.59
N THR B 271 13.91 0.47 -36.37
CA THR B 271 13.91 0.82 -37.82
C THR B 271 12.84 1.90 -38.22
N ASP B 272 12.80 2.48 -39.48
CA ASP B 272 11.82 3.49 -39.83
C ASP B 272 11.33 3.16 -41.24
N VAL B 273 10.28 2.36 -41.34
CA VAL B 273 9.77 1.98 -42.65
C VAL B 273 8.36 2.50 -42.85
N GLU B 274 8.17 3.34 -43.86
CA GLU B 274 6.84 3.88 -44.17
C GLU B 274 5.92 2.68 -44.25
N TYR B 275 4.76 2.77 -43.62
CA TYR B 275 3.83 1.65 -43.62
C TYR B 275 2.40 2.04 -44.02
N LYS B 276 1.75 1.16 -44.77
CA LYS B 276 0.38 1.40 -45.21
C LYS B 276 -0.39 0.10 -45.06
N GLY B 277 -1.56 0.16 -44.44
CA GLY B 277 -2.34 -1.04 -44.26
C GLY B 277 -2.86 -1.22 -42.84
N ASP B 278 -3.18 -2.45 -42.48
CA ASP B 278 -3.70 -2.78 -41.16
C ASP B 278 -2.57 -2.77 -40.13
N PRO B 279 -2.68 -1.90 -39.11
CA PRO B 279 -1.66 -1.82 -38.06
C PRO B 279 -1.51 -3.13 -37.26
N LYS B 280 -2.52 -3.99 -37.33
CA LYS B 280 -2.49 -5.26 -36.60
C LYS B 280 -1.76 -6.38 -37.33
N ALA B 281 -1.48 -6.18 -38.61
CA ALA B 281 -0.78 -7.20 -39.39
C ALA B 281 0.70 -6.86 -39.58
N VAL B 282 1.20 -5.86 -38.86
CA VAL B 282 2.60 -5.47 -39.00
C VAL B 282 3.55 -6.52 -38.47
N LYS B 283 4.61 -6.78 -39.24
CA LYS B 283 5.63 -7.75 -38.87
C LYS B 283 6.97 -7.40 -39.52
N ILE B 284 8.04 -7.92 -38.94
CA ILE B 284 9.39 -7.62 -39.41
C ILE B 284 9.67 -8.16 -40.83
N GLU B 285 10.43 -7.40 -41.62
CA GLU B 285 10.80 -7.79 -42.98
C GLU B 285 12.24 -8.27 -43.01
N GLU B 286 12.59 -9.02 -44.05
CA GLU B 286 13.95 -9.53 -44.21
C GLU B 286 14.97 -8.39 -44.18
N SER B 287 14.69 -7.30 -44.90
CA SER B 287 15.64 -6.17 -44.93
C SER B 287 15.83 -5.54 -43.55
N GLU B 288 14.79 -5.59 -42.73
CA GLU B 288 14.90 -5.03 -41.39
C GLU B 288 15.86 -5.87 -40.59
N ILE B 289 15.76 -7.19 -40.72
CA ILE B 289 16.64 -8.10 -40.02
C ILE B 289 18.07 -7.85 -40.47
N ASN B 290 18.30 -7.79 -41.78
CA ASN B 290 19.63 -7.56 -42.33
C ASN B 290 20.18 -6.20 -41.87
N TYR B 291 19.29 -5.21 -41.77
CA TYR B 291 19.68 -3.87 -41.34
C TYR B 291 20.17 -3.87 -39.89
N LEU B 292 19.37 -4.43 -38.99
CA LEU B 292 19.73 -4.48 -37.57
C LEU B 292 20.97 -5.31 -37.28
N LEU B 293 21.09 -6.46 -37.93
CA LEU B 293 22.25 -7.32 -37.71
C LEU B 293 23.52 -6.65 -38.21
N ASN B 294 23.41 -5.91 -39.31
CA ASN B 294 24.58 -5.24 -39.85
C ASN B 294 25.17 -4.19 -38.92
N VAL B 295 24.33 -3.30 -38.40
CA VAL B 295 24.83 -2.26 -37.51
C VAL B 295 25.43 -2.88 -36.24
N TYR B 296 24.84 -3.98 -35.78
CA TYR B 296 25.38 -4.66 -34.61
C TYR B 296 26.73 -5.31 -34.95
N ASN B 297 26.76 -6.09 -36.03
CA ASN B 297 27.99 -6.78 -36.43
C ASN B 297 29.12 -5.85 -36.84
N THR B 298 28.77 -4.61 -37.15
CA THR B 298 29.76 -3.61 -37.55
C THR B 298 30.48 -3.07 -36.33
N HIS B 299 29.80 -3.09 -35.18
CA HIS B 299 30.37 -2.59 -33.94
C HIS B 299 30.96 -3.61 -32.96
N PHE B 300 30.29 -4.76 -32.83
CA PHE B 300 30.71 -5.80 -31.89
C PHE B 300 31.55 -6.94 -32.46
N LYS B 301 32.46 -7.47 -31.63
CA LYS B 301 33.32 -8.58 -32.01
C LYS B 301 32.50 -9.86 -32.17
N LYS B 302 31.73 -10.19 -31.15
CA LYS B 302 30.89 -11.38 -31.18
C LYS B 302 29.82 -11.21 -32.25
N GLN B 303 30.04 -11.87 -33.38
CA GLN B 303 29.14 -11.79 -34.52
C GLN B 303 27.82 -12.55 -34.31
N LEU B 304 26.73 -11.99 -34.83
CA LEU B 304 25.41 -12.59 -34.74
C LEU B 304 24.90 -12.97 -36.13
N SER B 305 24.12 -14.04 -36.21
CA SER B 305 23.52 -14.44 -37.48
C SER B 305 22.01 -14.56 -37.29
N ARG B 306 21.29 -14.74 -38.39
CA ARG B 306 19.84 -14.87 -38.34
C ARG B 306 19.39 -15.99 -37.40
N ASP B 307 20.15 -17.07 -37.36
CA ASP B 307 19.84 -18.23 -36.52
C ASP B 307 19.88 -17.97 -35.01
N ASP B 308 20.51 -16.88 -34.59
CA ASP B 308 20.59 -16.56 -33.16
C ASP B 308 19.32 -15.85 -32.68
N ILE B 309 18.55 -15.34 -33.62
CA ILE B 309 17.32 -14.63 -33.28
C ILE B 309 16.31 -15.58 -32.64
N VAL B 310 15.85 -15.21 -31.45
CA VAL B 310 14.91 -16.03 -30.70
C VAL B 310 13.47 -15.48 -30.74
N TRP B 311 13.33 -14.21 -31.07
CA TRP B 311 12.00 -13.58 -31.14
C TRP B 311 12.11 -12.23 -31.81
N THR B 312 11.01 -11.77 -32.39
CA THR B 312 10.98 -10.46 -33.02
C THR B 312 9.60 -9.87 -32.76
N TYR B 313 9.52 -8.55 -32.76
CA TYR B 313 8.23 -7.89 -32.60
C TYR B 313 8.26 -6.65 -33.46
N SER B 314 7.09 -6.13 -33.80
CA SER B 314 7.00 -4.96 -34.65
C SER B 314 5.75 -4.14 -34.34
N GLY B 315 5.80 -2.86 -34.65
CA GLY B 315 4.67 -1.98 -34.40
C GLY B 315 4.78 -0.77 -35.31
N VAL B 316 3.74 0.03 -35.40
CA VAL B 316 3.77 1.22 -36.26
C VAL B 316 3.56 2.50 -35.44
N ARG B 317 4.46 3.45 -35.61
CA ARG B 317 4.35 4.72 -34.89
C ARG B 317 3.28 5.58 -35.54
N PRO B 318 2.29 6.03 -34.77
CA PRO B 318 1.27 6.88 -35.37
C PRO B 318 1.77 8.32 -35.19
N LEU B 319 2.61 8.76 -36.12
CA LEU B 319 3.20 10.09 -36.06
C LEU B 319 2.36 11.16 -36.73
N CYS B 320 2.18 12.29 -36.04
CA CYS B 320 1.41 13.39 -36.58
C CYS B 320 2.08 13.77 -37.89
N ASP B 321 1.39 13.51 -39.00
CA ASP B 321 1.93 13.80 -40.32
C ASP B 321 2.32 15.25 -40.56
N ASP B 322 3.59 15.55 -40.35
CA ASP B 322 4.09 16.90 -40.57
C ASP B 322 4.64 17.01 -41.99
N GLU B 323 4.43 15.96 -42.78
CA GLU B 323 4.86 15.91 -44.18
C GLU B 323 6.36 15.73 -44.40
N SER B 324 7.01 14.95 -43.52
CA SER B 324 8.44 14.72 -43.67
C SER B 324 8.72 13.83 -44.86
N ASP B 325 9.83 14.08 -45.53
CA ASP B 325 10.23 13.28 -46.67
C ASP B 325 10.83 11.97 -46.16
N SER B 326 11.59 12.07 -45.06
CA SER B 326 12.24 10.91 -44.47
C SER B 326 11.57 10.52 -43.16
N PRO B 327 11.14 9.24 -43.05
CA PRO B 327 10.49 8.73 -41.85
C PRO B 327 11.25 9.05 -40.56
N GLN B 328 12.56 8.87 -40.60
CA GLN B 328 13.40 9.14 -39.42
C GLN B 328 13.39 10.60 -39.00
N ALA B 329 13.01 11.49 -39.91
CA ALA B 329 12.99 12.93 -39.62
C ALA B 329 11.63 13.43 -39.12
N ILE B 330 10.58 12.65 -39.30
CA ILE B 330 9.25 13.05 -38.84
C ILE B 330 9.29 13.33 -37.33
N THR B 331 8.57 14.35 -36.88
CA THR B 331 8.58 14.68 -35.45
C THR B 331 7.91 13.63 -34.58
N ARG B 332 8.46 13.43 -33.39
CA ARG B 332 7.93 12.48 -32.43
C ARG B 332 7.09 13.18 -31.36
N ASP B 333 6.97 14.50 -31.47
CA ASP B 333 6.18 15.26 -30.51
C ASP B 333 4.70 14.96 -30.78
N TYR B 334 3.85 15.17 -29.79
CA TYR B 334 2.43 14.92 -29.96
C TYR B 334 1.61 16.17 -30.22
N THR B 335 0.39 15.95 -30.71
CA THR B 335 -0.53 17.04 -30.99
C THR B 335 -1.92 16.66 -30.51
N LEU B 336 -2.53 17.56 -29.73
CA LEU B 336 -3.87 17.32 -29.21
C LEU B 336 -4.81 18.33 -29.85
N ASP B 337 -5.95 17.86 -30.31
CA ASP B 337 -6.93 18.72 -30.93
C ASP B 337 -8.26 18.56 -30.20
N ILE B 338 -8.91 19.67 -29.88
CA ILE B 338 -10.20 19.62 -29.21
C ILE B 338 -11.19 20.52 -29.95
N HIS B 339 -12.40 20.01 -30.14
CA HIS B 339 -13.42 20.77 -30.85
C HIS B 339 -14.80 20.42 -30.29
N ASP B 340 -15.65 21.44 -30.12
CA ASP B 340 -16.99 21.21 -29.59
C ASP B 340 -18.07 21.55 -30.61
N GLU B 341 -19.32 21.33 -30.21
CA GLU B 341 -20.48 21.59 -31.05
C GLU B 341 -21.44 22.47 -30.24
N ASN B 342 -21.49 23.75 -30.57
CA ASN B 342 -22.37 24.68 -29.85
C ASN B 342 -21.95 24.76 -28.38
N GLY B 343 -20.65 24.74 -28.14
CA GLY B 343 -20.13 24.81 -26.78
C GLY B 343 -20.26 23.55 -25.95
N LYS B 344 -20.73 22.46 -26.54
CA LYS B 344 -20.89 21.20 -25.82
C LYS B 344 -20.33 20.01 -26.60
N ALA B 345 -20.39 18.83 -25.97
CA ALA B 345 -19.91 17.59 -26.57
C ALA B 345 -18.54 17.73 -27.19
N PRO B 346 -17.52 18.02 -26.37
CA PRO B 346 -16.15 18.18 -26.87
C PRO B 346 -15.55 16.87 -27.36
N LEU B 347 -14.64 16.98 -28.31
CA LEU B 347 -13.95 15.84 -28.87
C LEU B 347 -12.45 16.12 -28.84
N LEU B 348 -11.71 15.35 -28.04
CA LEU B 348 -10.28 15.54 -27.97
C LEU B 348 -9.61 14.36 -28.68
N SER B 349 -8.89 14.67 -29.75
CA SER B 349 -8.19 13.66 -30.53
C SER B 349 -6.70 13.75 -30.25
N VAL B 350 -6.04 12.59 -30.23
CA VAL B 350 -4.62 12.50 -29.95
C VAL B 350 -3.79 12.03 -31.15
N PHE B 351 -2.78 12.82 -31.52
CA PHE B 351 -1.91 12.46 -32.62
C PHE B 351 -0.49 12.35 -32.10
N GLY B 352 0.13 11.19 -32.31
CA GLY B 352 1.49 10.98 -31.85
C GLY B 352 1.50 10.82 -30.33
N GLY B 353 2.68 10.92 -29.73
CA GLY B 353 2.78 10.79 -28.29
C GLY B 353 3.53 9.57 -27.77
N LYS B 354 4.84 9.72 -27.59
CA LYS B 354 5.70 8.65 -27.07
C LYS B 354 5.21 8.19 -25.69
N LEU B 355 5.64 7.00 -25.27
CA LEU B 355 5.28 6.50 -23.94
C LEU B 355 5.86 7.44 -22.89
N THR B 356 7.07 7.92 -23.13
CA THR B 356 7.78 8.82 -22.22
C THR B 356 7.01 10.07 -21.80
N THR B 357 6.24 10.65 -22.73
CA THR B 357 5.49 11.87 -22.46
C THR B 357 4.01 11.68 -22.22
N TYR B 358 3.57 10.44 -22.01
CA TYR B 358 2.15 10.17 -21.81
C TYR B 358 1.50 10.92 -20.64
N ARG B 359 2.20 11.05 -19.52
CA ARG B 359 1.63 11.73 -18.37
C ARG B 359 1.42 13.22 -18.64
N LYS B 360 2.36 13.84 -19.35
CA LYS B 360 2.25 15.26 -19.70
C LYS B 360 1.11 15.39 -20.71
N LEU B 361 1.09 14.49 -21.68
CA LEU B 361 0.07 14.46 -22.71
C LEU B 361 -1.29 14.42 -22.02
N ALA B 362 -1.43 13.50 -21.07
CA ALA B 362 -2.69 13.36 -20.34
C ALA B 362 -3.11 14.64 -19.60
N GLU B 363 -2.14 15.33 -19.01
CA GLU B 363 -2.43 16.56 -18.27
C GLU B 363 -2.99 17.63 -19.18
N HIS B 364 -2.31 17.86 -20.31
CA HIS B 364 -2.74 18.87 -21.27
C HIS B 364 -4.14 18.55 -21.76
N ALA B 365 -4.40 17.26 -21.98
CA ALA B 365 -5.70 16.83 -22.46
C ALA B 365 -6.81 17.28 -21.53
N LEU B 366 -6.61 17.06 -20.23
CA LEU B 366 -7.60 17.45 -19.23
C LEU B 366 -7.71 18.95 -19.11
N GLU B 367 -6.61 19.63 -19.39
CA GLU B 367 -6.56 21.09 -19.32
C GLU B 367 -7.51 21.66 -20.37
N LYS B 368 -7.49 21.05 -21.55
CA LYS B 368 -8.34 21.49 -22.66
C LYS B 368 -9.79 21.06 -22.44
N LEU B 369 -9.98 20.01 -21.66
CA LEU B 369 -11.32 19.50 -21.36
C LEU B 369 -11.96 20.13 -20.13
N THR B 370 -11.14 20.80 -19.31
CA THR B 370 -11.63 21.42 -18.08
C THR B 370 -12.84 22.35 -18.20
N PRO B 371 -12.79 23.31 -19.13
CA PRO B 371 -13.93 24.24 -19.29
C PRO B 371 -15.28 23.56 -19.43
N TYR B 372 -15.29 22.31 -19.93
CA TYR B 372 -16.54 21.59 -20.14
C TYR B 372 -17.04 20.83 -18.91
N TYR B 373 -16.28 20.85 -17.83
CA TYR B 373 -16.69 20.15 -16.62
C TYR B 373 -16.59 21.04 -15.38
N GLN B 374 -17.73 21.62 -14.98
CA GLN B 374 -17.77 22.49 -13.82
C GLN B 374 -17.54 21.68 -12.54
N GLY B 375 -16.59 22.13 -11.73
CA GLY B 375 -16.29 21.44 -10.49
C GLY B 375 -15.25 20.35 -10.63
N ILE B 376 -14.57 20.32 -11.76
CA ILE B 376 -13.54 19.31 -12.02
C ILE B 376 -12.30 19.57 -11.16
N GLY B 377 -11.70 18.50 -10.66
CA GLY B 377 -10.50 18.63 -9.83
C GLY B 377 -9.29 19.07 -10.63
N PRO B 378 -8.23 19.54 -9.95
CA PRO B 378 -7.00 19.99 -10.59
C PRO B 378 -6.02 18.85 -10.90
N ALA B 379 -4.91 19.19 -11.55
CA ALA B 379 -3.89 18.21 -11.88
C ALA B 379 -3.46 17.51 -10.59
N TRP B 380 -2.92 16.29 -10.71
CA TRP B 380 -2.53 15.53 -9.52
C TRP B 380 -1.57 14.37 -9.76
N THR B 381 -1.53 13.83 -10.98
CA THR B 381 -0.69 12.66 -11.27
C THR B 381 0.80 12.75 -10.99
N LYS B 382 1.38 13.95 -11.05
CA LYS B 382 2.81 14.08 -10.81
C LYS B 382 3.25 13.61 -9.44
N GLU B 383 2.38 13.73 -8.43
CA GLU B 383 2.71 13.32 -7.08
C GLU B 383 2.15 11.96 -6.68
N SER B 384 1.49 11.27 -7.60
CA SER B 384 0.91 9.96 -7.29
C SER B 384 1.86 8.81 -7.56
N VAL B 385 1.46 7.62 -7.11
CA VAL B 385 2.24 6.42 -7.34
C VAL B 385 1.24 5.42 -7.91
N LEU B 386 1.53 4.91 -9.09
CA LEU B 386 0.66 3.97 -9.76
C LEU B 386 0.52 2.66 -9.00
N PRO B 387 -0.63 1.97 -9.17
CA PRO B 387 -0.87 0.69 -8.49
C PRO B 387 0.33 -0.20 -8.79
N GLY B 388 0.83 -0.88 -7.77
CA GLY B 388 2.00 -1.73 -7.96
C GLY B 388 3.23 -1.05 -7.43
N GLY B 389 3.24 0.28 -7.47
CA GLY B 389 4.36 1.02 -6.95
C GLY B 389 4.32 0.84 -5.44
N ALA B 390 4.54 1.90 -4.69
CA ALA B 390 4.47 1.79 -3.23
C ALA B 390 5.35 0.68 -2.67
N ILE B 391 6.62 0.69 -3.06
CA ILE B 391 7.60 -0.27 -2.57
C ILE B 391 8.60 0.59 -1.81
N GLU B 392 9.78 0.79 -2.40
CA GLU B 392 10.89 1.59 -1.87
C GLU B 392 12.22 0.91 -2.14
N GLY B 393 12.40 0.51 -3.39
CA GLY B 393 13.63 -0.16 -3.78
C GLY B 393 13.58 -0.81 -5.15
N ASP B 394 12.95 -1.98 -5.23
CA ASP B 394 12.81 -2.77 -6.47
C ASP B 394 13.47 -4.12 -6.21
N ARG B 395 14.75 -4.25 -6.54
CA ARG B 395 15.46 -5.48 -6.24
C ARG B 395 15.80 -5.12 -4.81
N ASP B 396 16.12 -3.84 -4.70
CA ASP B 396 16.50 -3.13 -3.48
C ASP B 396 15.66 -3.58 -2.31
N ASP B 397 15.86 -4.82 -1.93
CA ASP B 397 15.18 -5.45 -0.83
C ASP B 397 13.69 -5.66 -1.01
N TYR B 398 13.05 -5.08 -2.02
CA TYR B 398 11.62 -5.37 -2.11
C TYR B 398 11.45 -6.84 -2.41
N ALA B 399 12.22 -7.33 -3.38
CA ALA B 399 12.16 -8.75 -3.71
C ALA B 399 12.72 -9.50 -2.49
N ALA B 400 13.70 -8.91 -1.84
CA ALA B 400 14.30 -9.52 -0.65
C ALA B 400 13.28 -9.51 0.50
N ARG B 401 12.67 -8.36 0.73
CA ARG B 401 11.66 -8.21 1.78
C ARG B 401 10.48 -9.12 1.48
N LEU B 402 10.22 -9.31 0.19
CA LEU B 402 9.12 -10.17 -0.24
C LEU B 402 9.45 -11.61 0.14
N ARG B 403 10.68 -12.02 -0.14
CA ARG B 403 11.10 -13.37 0.16
C ARG B 403 11.24 -13.53 1.68
N ARG B 404 11.42 -12.41 2.38
CA ARG B 404 11.55 -12.46 3.82
C ARG B 404 10.18 -12.75 4.42
N ARG B 405 9.14 -12.13 3.86
CA ARG B 405 7.79 -12.36 4.37
C ARG B 405 7.25 -13.70 3.87
N TYR B 406 7.55 -14.02 2.61
CA TYR B 406 7.10 -15.27 1.99
C TYR B 406 8.33 -16.14 1.73
N PRO B 407 8.90 -16.73 2.79
CA PRO B 407 10.09 -17.59 2.70
C PRO B 407 10.05 -18.73 1.68
N PHE B 408 8.85 -19.23 1.36
CA PHE B 408 8.74 -20.32 0.39
C PHE B 408 9.03 -19.86 -1.04
N LEU B 409 9.16 -18.56 -1.26
CA LEU B 409 9.44 -18.04 -2.58
C LEU B 409 10.92 -18.16 -2.97
N THR B 410 11.19 -18.80 -4.10
CA THR B 410 12.55 -18.93 -4.58
C THR B 410 13.02 -17.52 -4.91
N GLU B 411 14.32 -17.32 -5.04
CA GLU B 411 14.85 -16.00 -5.36
C GLU B 411 14.41 -15.55 -6.74
N SER B 412 14.26 -16.50 -7.66
CA SER B 412 13.85 -16.16 -9.01
C SER B 412 12.38 -15.71 -9.02
N LEU B 413 11.51 -16.48 -8.37
CA LEU B 413 10.09 -16.15 -8.31
C LEU B 413 9.87 -14.81 -7.61
N ALA B 414 10.57 -14.60 -6.50
CA ALA B 414 10.44 -13.35 -5.76
C ALA B 414 10.83 -12.17 -6.65
N ARG B 415 11.89 -12.36 -7.42
CA ARG B 415 12.37 -11.31 -8.32
C ARG B 415 11.29 -10.98 -9.34
N HIS B 416 10.71 -12.02 -9.93
CA HIS B 416 9.65 -11.86 -10.92
C HIS B 416 8.49 -11.07 -10.34
N TYR B 417 7.93 -11.54 -9.23
CA TYR B 417 6.80 -10.84 -8.62
C TYR B 417 7.11 -9.38 -8.31
N ALA B 418 8.27 -9.12 -7.70
CA ALA B 418 8.66 -7.75 -7.37
C ALA B 418 8.79 -6.89 -8.61
N ARG B 419 9.36 -7.49 -9.67
CA ARG B 419 9.58 -6.78 -10.92
C ARG B 419 8.36 -6.56 -11.79
N THR B 420 7.29 -7.31 -11.59
CA THR B 420 6.11 -7.09 -12.41
C THR B 420 4.89 -6.61 -11.61
N TYR B 421 4.61 -7.26 -10.49
CA TYR B 421 3.46 -6.86 -9.67
C TYR B 421 3.75 -5.83 -8.60
N GLY B 422 5.00 -5.77 -8.16
CA GLY B 422 5.36 -4.82 -7.13
C GLY B 422 4.49 -5.01 -5.89
N SER B 423 4.03 -3.91 -5.31
CA SER B 423 3.20 -3.97 -4.12
C SER B 423 1.89 -4.75 -4.27
N ASN B 424 1.53 -5.13 -5.48
CA ASN B 424 0.31 -5.93 -5.69
C ASN B 424 0.60 -7.42 -5.45
N SER B 425 1.85 -7.76 -5.15
CA SER B 425 2.22 -9.14 -4.92
C SER B 425 1.44 -9.80 -3.77
N GLU B 426 1.23 -9.07 -2.68
CA GLU B 426 0.52 -9.64 -1.54
C GLU B 426 -0.90 -10.00 -1.92
N LEU B 427 -1.46 -9.26 -2.88
CA LEU B 427 -2.81 -9.54 -3.35
C LEU B 427 -2.78 -10.82 -4.19
N LEU B 428 -1.69 -11.03 -4.92
CA LEU B 428 -1.56 -12.23 -5.75
C LEU B 428 -1.31 -13.46 -4.88
N LEU B 429 -0.40 -13.34 -3.92
CA LEU B 429 -0.07 -14.46 -3.04
C LEU B 429 -1.24 -14.86 -2.15
N GLY B 430 -2.15 -13.92 -1.88
CA GLY B 430 -3.31 -14.21 -1.05
C GLY B 430 -2.92 -14.88 0.26
N ASN B 431 -3.55 -16.03 0.54
CA ASN B 431 -3.24 -16.75 1.77
C ASN B 431 -2.31 -17.94 1.55
N ALA B 432 -1.52 -17.89 0.48
CA ALA B 432 -0.58 -18.96 0.18
C ALA B 432 0.51 -18.99 1.26
N GLY B 433 0.94 -20.20 1.63
CA GLY B 433 1.97 -20.34 2.64
C GLY B 433 3.05 -21.30 2.22
N THR B 434 2.84 -21.93 1.06
CA THR B 434 3.80 -22.89 0.51
C THR B 434 3.74 -22.85 -1.01
N VAL B 435 4.72 -23.49 -1.65
CA VAL B 435 4.76 -23.54 -3.11
C VAL B 435 3.54 -24.29 -3.63
N SER B 436 3.13 -25.32 -2.91
CA SER B 436 1.98 -26.13 -3.29
C SER B 436 0.70 -25.30 -3.32
N ASP B 437 0.63 -24.28 -2.48
CA ASP B 437 -0.56 -23.43 -2.44
C ASP B 437 -0.66 -22.54 -3.67
N LEU B 438 0.42 -22.46 -4.45
CA LEU B 438 0.43 -21.65 -5.66
C LEU B 438 -0.37 -22.33 -6.78
N GLY B 439 -0.62 -23.63 -6.62
CA GLY B 439 -1.38 -24.35 -7.63
C GLY B 439 -0.58 -24.91 -8.80
N GLU B 440 -1.30 -25.26 -9.87
CA GLU B 440 -0.69 -25.83 -11.05
C GLU B 440 0.49 -25.02 -11.58
N ASP B 441 1.53 -25.73 -11.97
CA ASP B 441 2.73 -25.09 -12.52
C ASP B 441 2.69 -25.23 -14.03
N PHE B 442 2.54 -24.09 -14.71
CA PHE B 442 2.48 -24.09 -16.17
C PHE B 442 3.87 -24.05 -16.80
N GLY B 443 4.88 -23.91 -15.96
CA GLY B 443 6.24 -23.87 -16.47
C GLY B 443 6.95 -22.58 -16.12
N HIS B 444 8.27 -22.67 -15.97
CA HIS B 444 9.11 -21.51 -15.65
C HIS B 444 8.55 -20.73 -14.47
N GLU B 445 8.05 -21.45 -13.47
CA GLU B 445 7.50 -20.83 -12.25
C GLU B 445 6.33 -19.87 -12.47
N PHE B 446 5.55 -20.13 -13.50
CA PHE B 446 4.37 -19.34 -13.81
C PHE B 446 3.24 -20.21 -13.24
N TYR B 447 2.80 -19.90 -12.04
CA TYR B 447 1.76 -20.69 -11.39
C TYR B 447 0.33 -20.21 -11.56
N GLU B 448 -0.59 -21.15 -11.33
CA GLU B 448 -2.01 -20.90 -11.44
C GLU B 448 -2.42 -19.68 -10.60
N ALA B 449 -1.74 -19.47 -9.48
CA ALA B 449 -2.04 -18.33 -8.61
C ALA B 449 -1.75 -17.02 -9.33
N GLU B 450 -0.74 -17.01 -10.21
CA GLU B 450 -0.41 -15.80 -10.95
C GLU B 450 -1.44 -15.58 -12.06
N LEU B 451 -1.78 -16.66 -12.77
CA LEU B 451 -2.74 -16.58 -13.87
C LEU B 451 -4.13 -16.20 -13.38
N LYS B 452 -4.51 -16.71 -12.21
CA LYS B 452 -5.82 -16.41 -11.64
C LYS B 452 -5.84 -14.93 -11.26
N TYR B 453 -4.75 -14.45 -10.68
CA TYR B 453 -4.65 -13.05 -10.31
C TYR B 453 -4.74 -12.16 -11.55
N LEU B 454 -4.10 -12.58 -12.63
CA LEU B 454 -4.11 -11.81 -13.87
C LEU B 454 -5.51 -11.67 -14.45
N VAL B 455 -6.31 -12.74 -14.36
CA VAL B 455 -7.67 -12.68 -14.87
C VAL B 455 -8.55 -11.82 -13.98
N ASP B 456 -8.38 -11.96 -12.66
CA ASP B 456 -9.18 -11.21 -11.69
C ASP B 456 -8.82 -9.73 -11.56
N HIS B 457 -7.55 -9.41 -11.68
CA HIS B 457 -7.13 -8.04 -11.52
C HIS B 457 -6.43 -7.35 -12.68
N GLU B 458 -6.13 -8.07 -13.75
CA GLU B 458 -5.44 -7.43 -14.87
C GLU B 458 -6.07 -7.64 -16.24
N TRP B 459 -7.37 -7.88 -16.26
CA TRP B 459 -8.14 -8.05 -17.50
C TRP B 459 -7.65 -9.12 -18.48
N VAL B 460 -6.88 -10.10 -18.01
CA VAL B 460 -6.42 -11.15 -18.92
C VAL B 460 -7.60 -12.00 -19.38
N ARG B 461 -7.69 -12.21 -20.69
CA ARG B 461 -8.77 -12.98 -21.30
C ARG B 461 -8.22 -14.10 -22.18
N ARG B 462 -7.04 -13.87 -22.76
CA ARG B 462 -6.38 -14.83 -23.65
C ARG B 462 -4.94 -15.08 -23.21
N ALA B 463 -4.36 -16.21 -23.63
CA ALA B 463 -3.00 -16.57 -23.27
C ALA B 463 -1.98 -15.47 -23.59
N ASP B 464 -2.01 -14.97 -24.82
CA ASP B 464 -1.09 -13.90 -25.21
C ASP B 464 -1.13 -12.73 -24.24
N ASP B 465 -2.32 -12.35 -23.78
CA ASP B 465 -2.43 -11.23 -22.84
C ASP B 465 -1.52 -11.50 -21.64
N ALA B 466 -1.61 -12.72 -21.10
CA ALA B 466 -0.82 -13.10 -19.94
C ALA B 466 0.65 -13.39 -20.22
N LEU B 467 0.92 -14.02 -21.36
CA LEU B 467 2.29 -14.41 -21.70
C LEU B 467 3.15 -13.41 -22.46
N TRP B 468 2.53 -12.42 -23.08
CA TRP B 468 3.30 -11.47 -23.86
C TRP B 468 3.09 -10.01 -23.51
N ARG B 469 2.02 -9.71 -22.77
CA ARG B 469 1.75 -8.33 -22.38
C ARG B 469 1.85 -8.10 -20.87
N ARG B 470 1.10 -8.86 -20.07
CA ARG B 470 1.20 -8.66 -18.62
C ARG B 470 2.56 -9.18 -18.16
N THR B 471 3.08 -10.19 -18.83
CA THR B 471 4.38 -10.76 -18.53
C THR B 471 5.05 -11.10 -19.86
N LYS B 472 6.26 -11.64 -19.78
CA LYS B 472 6.99 -12.05 -20.97
C LYS B 472 7.36 -13.53 -20.84
N GLN B 473 6.55 -14.25 -20.05
CA GLN B 473 6.77 -15.68 -19.85
C GLN B 473 6.73 -16.44 -21.18
N GLY B 474 6.12 -15.82 -22.19
CA GLY B 474 6.04 -16.45 -23.51
C GLY B 474 7.42 -16.75 -24.07
N MET B 475 8.42 -16.05 -23.57
CA MET B 475 9.81 -16.26 -24.00
C MET B 475 10.36 -17.61 -23.55
N TRP B 476 9.70 -18.23 -22.57
CA TRP B 476 10.17 -19.51 -22.04
C TRP B 476 9.24 -20.71 -22.23
N LEU B 477 7.93 -20.50 -22.20
CA LEU B 477 7.00 -21.61 -22.37
C LEU B 477 6.93 -22.16 -23.78
N ASN B 478 7.05 -23.48 -23.92
CA ASN B 478 6.98 -24.11 -25.23
C ASN B 478 5.53 -24.10 -25.72
N ALA B 479 5.30 -24.62 -26.92
CA ALA B 479 3.97 -24.65 -27.52
C ALA B 479 2.90 -25.36 -26.70
N ASP B 480 3.22 -26.54 -26.19
CA ASP B 480 2.25 -27.29 -25.39
C ASP B 480 1.91 -26.57 -24.09
N GLN B 481 2.91 -25.95 -23.47
CA GLN B 481 2.66 -25.24 -22.22
C GLN B 481 1.80 -24.00 -22.43
N GLN B 482 1.95 -23.36 -23.58
CA GLN B 482 1.16 -22.18 -23.87
C GLN B 482 -0.27 -22.60 -24.19
N SER B 483 -0.40 -23.79 -24.77
CA SER B 483 -1.71 -24.34 -25.11
C SER B 483 -2.46 -24.67 -23.82
N ARG B 484 -1.71 -25.13 -22.81
CA ARG B 484 -2.29 -25.45 -21.51
C ARG B 484 -2.79 -24.18 -20.82
N VAL B 485 -2.05 -23.10 -20.96
CA VAL B 485 -2.45 -21.84 -20.35
C VAL B 485 -3.76 -21.38 -20.99
N SER B 486 -3.88 -21.58 -22.30
CA SER B 486 -5.10 -21.19 -23.03
C SER B 486 -6.29 -22.03 -22.59
N GLN B 487 -6.05 -23.31 -22.31
CA GLN B 487 -7.11 -24.21 -21.89
C GLN B 487 -7.58 -23.87 -20.47
N TRP B 488 -6.65 -23.52 -19.59
CA TRP B 488 -7.01 -23.16 -18.23
C TRP B 488 -7.88 -21.91 -18.25
N LEU B 489 -7.50 -20.94 -19.09
CA LEU B 489 -8.22 -19.68 -19.23
C LEU B 489 -9.66 -19.93 -19.66
N VAL B 490 -9.84 -20.90 -20.56
CA VAL B 490 -11.17 -21.25 -21.04
C VAL B 490 -12.01 -21.80 -19.90
N GLU B 491 -11.46 -22.75 -19.15
CA GLU B 491 -12.16 -23.38 -18.04
C GLU B 491 -12.44 -22.42 -16.87
N TYR B 492 -11.64 -21.37 -16.75
CA TYR B 492 -11.82 -20.42 -15.67
C TYR B 492 -12.70 -19.23 -16.04
N THR B 493 -12.47 -18.68 -17.24
CA THR B 493 -13.23 -17.51 -17.68
C THR B 493 -14.61 -17.83 -18.27
N GLN B 494 -14.70 -18.95 -18.98
CA GLN B 494 -15.96 -19.33 -19.61
C GLN B 494 -16.84 -20.13 -18.65
N GLN B 495 -16.24 -21.06 -17.93
CA GLN B 495 -16.97 -21.87 -16.97
C GLN B 495 -16.83 -21.22 -15.59
#